data_5M61
#
_entry.id   5M61
#
_cell.length_a   138.120
_cell.length_b   131.150
_cell.length_c   77.830
_cell.angle_alpha   90.00
_cell.angle_beta   115.35
_cell.angle_gamma   90.00
#
_symmetry.space_group_name_H-M   'C 1 2 1'
#
loop_
_entity.id
_entity.type
_entity.pdbx_description
1 polymer 'Clathrin heavy chain 1'
2 polymer Amphiphysin
3 non-polymer GLYCEROL
4 water water
#
loop_
_entity_poly.entity_id
_entity_poly.type
_entity_poly.pdbx_seq_one_letter_code
_entity_poly.pdbx_strand_id
1 'polypeptide(L)'
;GSMAQILPIRFQEHLQLQNLGINPANIGFSTLTMESDKFICIREKVGEQAQVVIIDMNDPSNPIRRPISADSAIMNPASK
VIALKAGKTLQIFNIEMKSKMKAHTMTDDVTFWKWISLNTVALVTDNAVYHWSMEGESQPVKMFDRHSSLAGCQIINYRT
DAKQKWLLLTGISAQQNRVVGAMQLYSVDRKVSQPIEGHAASFAQFKMEGNAEESTLFCFAVRGQAGGKLHIIEVGTPPT
GNQPFPKKAVDVFFPPEAQNDFPVAMQISEKHDVVFLITKYGYIHLYDLETGTCIYMNRISGETIFVTAPHEATAGIIGV
NRKGQVLSVCVEEENIIPYITNVLQNPDLALRMAVRNNLAGAEEL
;
A,B
2 'polypeptide(L)' ETLLDLDFDPFK E,F,G,H
#
loop_
_chem_comp.id
_chem_comp.type
_chem_comp.name
_chem_comp.formula
GOL non-polymer GLYCEROL 'C3 H8 O3'
#
# COMPACT_ATOMS: atom_id res chain seq x y z
N ILE A 6 -15.44 6.90 -16.64
CA ILE A 6 -15.29 7.50 -15.29
C ILE A 6 -13.80 7.77 -14.99
N LEU A 7 -13.53 8.91 -14.37
CA LEU A 7 -12.19 9.27 -13.95
C LEU A 7 -12.11 9.21 -12.42
N PRO A 8 -10.92 8.89 -11.86
CA PRO A 8 -10.75 8.85 -10.43
C PRO A 8 -10.43 10.22 -9.83
N ILE A 9 -10.29 11.24 -10.69
CA ILE A 9 -10.03 12.60 -10.23
C ILE A 9 -11.07 13.55 -10.81
N ARG A 10 -11.18 14.71 -10.17
CA ARG A 10 -12.10 15.77 -10.60
C ARG A 10 -11.26 17.03 -10.77
N PHE A 11 -11.37 17.61 -11.97
CA PHE A 11 -10.71 18.86 -12.33
C PHE A 11 -11.73 20.00 -12.14
N GLN A 12 -11.27 21.14 -11.63
CA GLN A 12 -12.11 22.35 -11.52
C GLN A 12 -11.27 23.61 -11.81
N GLU A 13 -11.80 24.46 -12.71
CA GLU A 13 -11.27 25.79 -12.91
C GLU A 13 -11.95 26.77 -11.96
N HIS A 14 -11.14 27.45 -11.15
CA HIS A 14 -11.64 28.40 -10.16
C HIS A 14 -11.66 29.82 -10.70
N LEU A 15 -10.68 30.19 -11.51
CA LEU A 15 -10.50 31.56 -11.96
C LEU A 15 -9.61 31.63 -13.18
N GLN A 16 -9.81 32.71 -13.96
CA GLN A 16 -8.84 33.14 -14.95
C GLN A 16 -8.35 34.51 -14.52
N LEU A 17 -7.10 34.59 -14.11
CA LEU A 17 -6.57 35.85 -13.57
C LEU A 17 -6.61 36.98 -14.60
N GLN A 18 -6.49 36.65 -15.88
CA GLN A 18 -6.55 37.68 -16.94
C GLN A 18 -7.91 38.38 -16.99
N ASN A 19 -8.97 37.69 -16.57
CA ASN A 19 -10.29 38.32 -16.41
C ASN A 19 -10.38 39.33 -15.27
N LEU A 20 -9.37 39.40 -14.39
CA LEU A 20 -9.33 40.40 -13.31
C LEU A 20 -8.34 41.53 -13.59
N GLY A 21 -7.93 41.68 -14.83
CA GLY A 21 -7.00 42.73 -15.18
C GLY A 21 -5.53 42.42 -14.94
N ILE A 22 -5.17 41.17 -14.70
CA ILE A 22 -3.78 40.83 -14.43
C ILE A 22 -3.03 40.73 -15.76
N ASN A 23 -1.92 41.43 -15.87
CA ASN A 23 -1.04 41.32 -17.03
C ASN A 23 -0.33 39.95 -17.00
N PRO A 24 -0.35 39.19 -18.13
CA PRO A 24 0.30 37.87 -18.14
C PRO A 24 1.81 37.91 -17.89
N ALA A 25 2.45 39.05 -18.16
CA ALA A 25 3.87 39.20 -17.78
C ALA A 25 4.12 39.06 -16.28
N ASN A 26 3.09 39.26 -15.46
CA ASN A 26 3.24 39.10 -14.00
C ASN A 26 2.75 37.79 -13.45
N ILE A 27 2.31 36.89 -14.36
CA ILE A 27 1.83 35.61 -13.96
C ILE A 27 3.00 34.64 -14.10
N GLY A 28 3.78 34.54 -13.04
CA GLY A 28 4.97 33.71 -13.03
C GLY A 28 5.55 33.59 -11.64
N PHE A 29 6.58 32.76 -11.54
CA PHE A 29 7.15 32.33 -10.28
C PHE A 29 7.66 33.52 -9.44
N SER A 30 8.30 34.52 -10.05
CA SER A 30 8.84 35.59 -9.22
C SER A 30 7.81 36.64 -8.75
N THR A 31 6.66 36.74 -9.39
CA THR A 31 5.72 37.84 -9.13
C THR A 31 4.37 37.39 -8.56
N LEU A 32 4.05 36.11 -8.62
CA LEU A 32 2.76 35.59 -8.19
C LEU A 32 3.02 34.57 -7.12
N THR A 33 2.41 34.75 -5.96
CA THR A 33 2.56 33.80 -4.85
C THR A 33 1.19 33.29 -4.39
N MET A 34 1.20 32.03 -4.04
CA MET A 34 0.01 31.36 -3.54
C MET A 34 0.46 30.43 -2.44
N GLU A 35 0.48 30.96 -1.21
CA GLU A 35 1.02 30.26 -0.08
C GLU A 35 0.01 29.30 0.53
N SER A 36 -1.25 29.47 0.19
CA SER A 36 -2.31 28.55 0.54
C SER A 36 -3.41 28.80 -0.45
N ASP A 37 -4.48 28.03 -0.35
CA ASP A 37 -5.65 28.23 -1.21
C ASP A 37 -6.54 29.43 -0.88
N LYS A 38 -6.17 30.22 0.13
CA LYS A 38 -6.99 31.35 0.54
C LYS A 38 -6.74 32.65 -0.20
N PHE A 39 -5.52 32.84 -0.67
CA PHE A 39 -5.12 34.11 -1.30
C PHE A 39 -4.13 33.88 -2.43
N ILE A 40 -4.20 34.75 -3.44
CA ILE A 40 -3.16 34.89 -4.43
C ILE A 40 -2.67 36.33 -4.40
N CYS A 41 -1.35 36.53 -4.33
CA CYS A 41 -0.75 37.87 -4.41
C CYS A 41 0.09 38.03 -5.67
N ILE A 42 -0.10 39.13 -6.37
CA ILE A 42 0.61 39.39 -7.62
C ILE A 42 1.25 40.77 -7.54
N ARG A 43 2.56 40.84 -7.74
CA ARG A 43 3.23 42.15 -7.83
C ARG A 43 3.16 42.66 -9.26
N GLU A 44 2.70 43.91 -9.44
CA GLU A 44 2.50 44.51 -10.76
C GLU A 44 3.04 45.93 -10.67
N LYS A 45 3.42 46.49 -11.80
CA LYS A 45 3.80 47.91 -11.86
C LYS A 45 2.86 48.55 -12.84
N VAL A 46 1.99 49.45 -12.34
CA VAL A 46 0.97 50.16 -13.14
C VAL A 46 1.33 51.64 -13.14
N GLY A 47 1.84 52.13 -14.28
CA GLY A 47 2.43 53.47 -14.36
C GLY A 47 3.78 53.46 -13.66
N GLU A 48 4.04 54.51 -12.88
CA GLU A 48 5.25 54.58 -12.04
C GLU A 48 5.16 53.68 -10.79
N GLN A 49 3.95 53.40 -10.29
CA GLN A 49 3.80 52.76 -8.98
C GLN A 49 3.83 51.22 -9.01
N ALA A 50 4.72 50.62 -8.24
CA ALA A 50 4.63 49.17 -7.95
C ALA A 50 3.46 48.92 -6.98
N GLN A 51 2.73 47.85 -7.23
CA GLN A 51 1.57 47.45 -6.43
C GLN A 51 1.59 45.97 -6.17
N VAL A 52 0.81 45.57 -5.17
CA VAL A 52 0.46 44.16 -4.95
C VAL A 52 -1.05 44.07 -5.15
N VAL A 53 -1.48 43.08 -5.94
CA VAL A 53 -2.88 42.77 -6.12
C VAL A 53 -3.14 41.55 -5.25
N ILE A 54 -4.10 41.67 -4.35
CA ILE A 54 -4.45 40.62 -3.38
C ILE A 54 -5.81 40.07 -3.73
N ILE A 55 -5.83 38.81 -4.18
CA ILE A 55 -7.05 38.12 -4.51
C ILE A 55 -7.43 37.25 -3.35
N ASP A 56 -8.57 37.59 -2.76
CA ASP A 56 -9.16 36.76 -1.72
C ASP A 56 -9.96 35.71 -2.46
N MET A 57 -9.57 34.46 -2.34
CA MET A 57 -10.22 33.36 -3.05
C MET A 57 -11.65 33.09 -2.61
N ASN A 58 -12.08 33.61 -1.49
CA ASN A 58 -13.50 33.57 -1.14
C ASN A 58 -14.31 34.77 -1.68
N ASP A 59 -13.64 35.78 -2.25
CA ASP A 59 -14.28 36.91 -2.90
C ASP A 59 -13.47 37.35 -4.13
N PRO A 60 -13.30 36.46 -5.11
CA PRO A 60 -12.22 36.70 -6.07
C PRO A 60 -12.48 37.80 -7.12
N SER A 61 -13.74 38.19 -7.32
CA SER A 61 -14.02 39.23 -8.29
C SER A 61 -13.72 40.63 -7.77
N ASN A 62 -13.44 40.77 -6.46
CA ASN A 62 -13.05 42.05 -5.85
C ASN A 62 -11.59 42.11 -5.33
N PRO A 63 -10.61 42.04 -6.24
CA PRO A 63 -9.21 42.08 -5.79
C PRO A 63 -8.87 43.45 -5.30
N ILE A 64 -7.99 43.52 -4.31
CA ILE A 64 -7.53 44.76 -3.76
C ILE A 64 -6.10 45.05 -4.20
N ARG A 65 -5.88 46.27 -4.69
N ARG A 65 -5.85 46.28 -4.63
CA ARG A 65 -4.57 46.76 -5.14
CA ARG A 65 -4.56 46.71 -5.12
C ARG A 65 -4.03 47.73 -4.09
C ARG A 65 -3.98 47.77 -4.18
N ARG A 66 -2.77 47.53 -3.68
CA ARG A 66 -2.14 48.41 -2.69
C ARG A 66 -0.73 48.75 -3.14
N PRO A 67 -0.31 50.02 -2.98
CA PRO A 67 1.09 50.36 -3.34
C PRO A 67 2.11 49.64 -2.46
N ILE A 68 3.21 49.21 -3.07
CA ILE A 68 4.32 48.57 -2.35
C ILE A 68 5.66 49.08 -2.84
N SER A 69 6.70 48.83 -2.07
CA SER A 69 8.07 49.00 -2.54
C SER A 69 8.86 47.78 -2.14
N ALA A 70 8.45 46.62 -2.62
CA ALA A 70 9.01 45.34 -2.20
C ALA A 70 9.34 44.55 -3.42
N ASP A 71 10.30 43.64 -3.29
CA ASP A 71 10.66 42.72 -4.33
C ASP A 71 9.98 41.39 -4.21
N SER A 72 9.22 41.14 -3.13
CA SER A 72 8.51 39.90 -2.97
C SER A 72 7.44 40.10 -1.87
N ALA A 73 6.32 39.44 -2.05
CA ALA A 73 5.17 39.50 -1.11
C ALA A 73 4.58 38.12 -0.95
N ILE A 74 4.44 37.65 0.29
CA ILE A 74 3.81 36.34 0.54
C ILE A 74 2.81 36.44 1.66
N MET A 75 1.55 36.11 1.35
CA MET A 75 0.48 36.15 2.33
C MET A 75 0.56 34.93 3.24
N ASN A 76 0.31 35.16 4.53
CA ASN A 76 0.10 34.09 5.51
C ASN A 76 -0.92 33.08 5.00
N PRO A 77 -0.77 31.81 5.35
CA PRO A 77 -1.73 30.82 4.81
C PRO A 77 -3.16 30.99 5.26
N ALA A 78 -3.39 31.59 6.44
CA ALA A 78 -4.76 31.66 7.01
C ALA A 78 -5.32 33.05 7.29
N SER A 79 -4.50 34.07 7.29
CA SER A 79 -4.92 35.37 7.79
C SER A 79 -4.39 36.43 6.83
N LYS A 80 -5.06 37.58 6.81
CA LYS A 80 -4.61 38.74 6.03
C LYS A 80 -3.42 39.44 6.69
N VAL A 81 -2.33 38.69 6.80
CA VAL A 81 -1.07 39.10 7.34
C VAL A 81 -0.10 38.83 6.22
N ILE A 82 0.67 39.82 5.83
CA ILE A 82 1.49 39.70 4.63
C ILE A 82 2.93 40.02 4.98
N ALA A 83 3.85 39.24 4.41
CA ALA A 83 5.27 39.46 4.57
C ALA A 83 5.83 40.04 3.28
N LEU A 84 6.56 41.13 3.40
CA LEU A 84 7.16 41.76 2.26
C LEU A 84 8.65 41.97 2.53
N LYS A 85 9.42 41.96 1.46
CA LYS A 85 10.84 42.23 1.58
C LYS A 85 11.37 43.09 0.45
N ALA A 86 12.40 43.83 0.77
CA ALA A 86 13.14 44.64 -0.20
C ALA A 86 14.62 44.50 0.17
N GLY A 87 15.32 43.66 -0.57
CA GLY A 87 16.73 43.30 -0.29
C GLY A 87 16.81 42.70 1.12
N LYS A 88 17.53 43.36 2.02
CA LYS A 88 17.69 42.83 3.38
C LYS A 88 16.54 43.21 4.36
N THR A 89 15.60 44.07 3.94
CA THR A 89 14.57 44.57 4.82
C THR A 89 13.38 43.67 4.72
N LEU A 90 12.96 43.08 5.85
CA LEU A 90 11.78 42.21 5.94
C LEU A 90 10.73 42.93 6.78
N GLN A 91 9.49 42.98 6.31
CA GLN A 91 8.43 43.59 7.12
C GLN A 91 7.16 42.76 7.08
N ILE A 92 6.45 42.71 8.20
CA ILE A 92 5.23 41.92 8.32
C ILE A 92 4.10 42.85 8.71
N PHE A 93 3.01 42.81 7.97
CA PHE A 93 1.86 43.69 8.20
C PHE A 93 0.58 42.90 8.48
N ASN A 94 -0.20 43.38 9.43
CA ASN A 94 -1.58 42.93 9.55
C ASN A 94 -2.41 43.96 8.77
N ILE A 95 -3.00 43.52 7.67
CA ILE A 95 -3.62 44.42 6.69
C ILE A 95 -4.89 45.07 7.24
N GLU A 96 -5.73 44.27 7.86
CA GLU A 96 -6.97 44.79 8.46
C GLU A 96 -6.68 45.77 9.62
N MET A 97 -5.62 45.52 10.38
CA MET A 97 -5.23 46.41 11.47
C MET A 97 -4.41 47.61 10.99
N LYS A 98 -4.09 47.64 9.71
CA LYS A 98 -3.25 48.69 9.10
C LYS A 98 -1.95 48.88 9.86
N SER A 99 -1.35 47.76 10.26
N SER A 99 -1.29 47.78 10.19
CA SER A 99 -0.34 47.66 11.33
CA SER A 99 -0.24 47.84 11.18
C SER A 99 0.95 47.05 10.75
C SER A 99 0.97 46.97 10.92
N LYS A 100 2.12 47.60 11.13
CA LYS A 100 3.42 46.96 10.91
C LYS A 100 3.73 46.14 12.15
N MET A 101 3.56 44.84 12.06
N MET A 101 3.50 44.83 12.04
CA MET A 101 3.67 44.00 13.23
CA MET A 101 3.65 43.87 13.13
C MET A 101 5.10 43.51 13.45
C MET A 101 5.15 43.80 13.49
N LYS A 102 5.98 43.65 12.45
CA LYS A 102 7.39 43.23 12.61
C LYS A 102 8.23 43.86 11.53
N ALA A 103 9.49 44.11 11.87
CA ALA A 103 10.50 44.53 10.89
C ALA A 103 11.80 43.89 11.32
N HIS A 104 12.54 43.40 10.34
CA HIS A 104 13.85 42.79 10.63
C HIS A 104 14.73 43.10 9.45
N THR A 105 15.99 43.41 9.73
CA THR A 105 16.99 43.63 8.69
C THR A 105 17.99 42.46 8.71
N MET A 106 18.02 41.67 7.63
CA MET A 106 18.91 40.55 7.48
C MET A 106 20.33 41.08 7.19
N THR A 107 21.31 40.20 7.26
CA THR A 107 22.68 40.53 6.79
C THR A 107 23.05 39.83 5.48
N ASP A 108 22.07 39.18 4.87
CA ASP A 108 22.18 38.57 3.53
C ASP A 108 20.88 38.81 2.79
N ASP A 109 20.93 38.88 1.45
CA ASP A 109 19.72 38.86 0.68
C ASP A 109 18.99 37.52 0.80
N VAL A 110 17.67 37.56 0.74
CA VAL A 110 16.85 36.36 0.80
C VAL A 110 16.45 36.00 -0.62
N THR A 111 16.87 34.83 -1.08
N THR A 111 16.89 34.83 -1.06
CA THR A 111 16.63 34.39 -2.46
CA THR A 111 16.66 34.34 -2.43
C THR A 111 15.41 33.50 -2.62
C THR A 111 15.29 33.69 -2.57
N PHE A 112 14.82 33.06 -1.51
CA PHE A 112 13.55 32.36 -1.51
C PHE A 112 12.98 32.43 -0.09
N TRP A 113 11.67 32.63 0.03
CA TRP A 113 11.02 32.51 1.32
C TRP A 113 9.59 32.00 1.15
N LYS A 114 9.01 31.52 2.24
CA LYS A 114 7.70 30.85 2.20
C LYS A 114 7.18 30.74 3.62
N TRP A 115 5.85 30.80 3.81
CA TRP A 115 5.27 30.38 5.07
C TRP A 115 5.31 28.89 5.16
N ILE A 116 5.91 28.34 6.20
CA ILE A 116 5.93 26.86 6.35
C ILE A 116 4.90 26.35 7.33
N SER A 117 4.19 27.28 8.00
CA SER A 117 3.12 26.96 8.89
C SER A 117 2.24 28.17 9.03
N LEU A 118 1.29 28.12 9.94
CA LEU A 118 0.44 29.29 10.18
C LEU A 118 1.18 30.46 10.82
N ASN A 119 2.32 30.22 11.44
CA ASN A 119 3.01 31.30 12.15
C ASN A 119 4.49 31.43 11.96
N THR A 120 5.04 30.70 10.99
CA THR A 120 6.50 30.70 10.74
C THR A 120 6.84 30.87 9.30
N VAL A 121 7.76 31.80 9.02
CA VAL A 121 8.28 32.05 7.70
C VAL A 121 9.68 31.40 7.62
N ALA A 122 9.98 30.73 6.52
CA ALA A 122 11.33 30.19 6.25
C ALA A 122 12.01 31.14 5.30
N LEU A 123 13.27 31.41 5.55
CA LEU A 123 14.08 32.31 4.75
C LEU A 123 15.31 31.57 4.26
N VAL A 124 15.55 31.58 2.94
CA VAL A 124 16.69 30.99 2.34
C VAL A 124 17.57 32.08 1.79
N THR A 125 18.80 32.09 2.22
CA THR A 125 19.85 32.95 1.66
C THR A 125 20.78 32.12 0.79
N ASP A 126 21.78 32.78 0.21
CA ASP A 126 22.80 32.02 -0.53
C ASP A 126 23.47 30.92 0.28
N ASN A 127 23.57 31.09 1.61
CA ASN A 127 24.37 30.23 2.46
C ASN A 127 23.63 29.38 3.51
N ALA A 128 22.38 29.69 3.83
CA ALA A 128 21.71 29.07 4.96
C ALA A 128 20.20 29.19 4.88
N VAL A 129 19.54 28.43 5.75
CA VAL A 129 18.11 28.47 5.90
C VAL A 129 17.77 28.86 7.35
N TYR A 130 16.79 29.77 7.49
CA TYR A 130 16.36 30.32 8.77
C TYR A 130 14.87 30.12 8.93
N HIS A 131 14.42 29.96 10.16
CA HIS A 131 12.98 30.03 10.49
C HIS A 131 12.72 31.27 11.33
N TRP A 132 11.58 31.92 11.09
CA TRP A 132 11.22 33.12 11.84
C TRP A 132 9.77 32.98 12.27
N SER A 133 9.58 32.76 13.56
CA SER A 133 8.28 32.63 14.18
C SER A 133 7.69 34.00 14.39
N MET A 134 6.41 34.12 14.17
CA MET A 134 5.67 35.36 14.42
C MET A 134 5.25 35.49 15.90
N GLU A 135 5.50 34.48 16.71
CA GLU A 135 5.11 34.54 18.14
C GLU A 135 6.06 35.38 18.98
N GLY A 136 5.51 36.24 19.82
CA GLY A 136 6.29 37.07 20.74
C GLY A 136 7.27 37.99 20.04
N GLU A 137 8.47 38.10 20.58
CA GLU A 137 9.50 38.95 19.99
C GLU A 137 10.60 38.09 19.30
N SER A 138 10.21 37.08 18.54
CA SER A 138 11.18 36.13 17.98
C SER A 138 11.92 36.81 16.83
N GLN A 139 13.19 36.44 16.64
CA GLN A 139 13.94 36.82 15.46
C GLN A 139 14.29 35.55 14.66
N PRO A 140 14.74 35.71 13.42
CA PRO A 140 15.15 34.53 12.66
C PRO A 140 16.23 33.69 13.36
N VAL A 141 16.11 32.38 13.27
CA VAL A 141 17.01 31.43 13.86
C VAL A 141 17.53 30.59 12.72
N LYS A 142 18.84 30.40 12.65
CA LYS A 142 19.38 29.57 11.65
C LYS A 142 19.05 28.09 11.90
N MET A 143 18.56 27.42 10.87
CA MET A 143 18.28 25.96 10.94
C MET A 143 19.44 25.11 10.49
N PHE A 144 20.02 25.44 9.33
CA PHE A 144 21.17 24.73 8.82
C PHE A 144 21.90 25.55 7.76
N ASP A 145 23.16 25.20 7.53
CA ASP A 145 23.90 25.73 6.40
C ASP A 145 23.58 24.94 5.14
N ARG A 146 23.52 25.65 4.02
CA ARG A 146 23.31 25.03 2.71
C ARG A 146 24.45 24.14 2.29
N HIS A 147 24.09 22.99 1.72
CA HIS A 147 25.04 22.04 1.21
C HIS A 147 25.55 22.53 -0.17
N SER A 148 26.84 22.28 -0.43
CA SER A 148 27.51 22.76 -1.63
C SER A 148 26.88 22.19 -2.91
N SER A 149 26.21 21.03 -2.84
CA SER A 149 25.44 20.51 -3.98
C SER A 149 24.32 21.43 -4.49
N LEU A 150 23.84 22.37 -3.70
CA LEU A 150 22.81 23.32 -4.19
C LEU A 150 23.41 24.66 -4.64
N ALA A 151 24.74 24.77 -4.64
CA ALA A 151 25.39 26.04 -4.98
C ALA A 151 25.07 26.38 -6.42
N GLY A 152 24.65 27.61 -6.66
CA GLY A 152 24.28 27.99 -8.02
C GLY A 152 22.91 27.51 -8.49
N CYS A 153 22.14 26.78 -7.68
CA CYS A 153 20.80 26.36 -8.08
C CYS A 153 19.80 27.51 -7.97
N GLN A 154 18.78 27.45 -8.78
CA GLN A 154 17.58 28.22 -8.52
C GLN A 154 16.80 27.52 -7.40
N ILE A 155 16.56 28.21 -6.28
CA ILE A 155 15.80 27.60 -5.19
C ILE A 155 14.31 27.68 -5.54
N ILE A 156 13.63 26.54 -5.52
CA ILE A 156 12.23 26.46 -5.94
C ILE A 156 11.26 26.00 -4.87
N ASN A 157 11.75 25.42 -3.79
CA ASN A 157 10.88 24.96 -2.70
C ASN A 157 11.64 24.74 -1.41
N TYR A 158 10.87 24.75 -0.34
CA TYR A 158 11.33 24.46 0.98
C TYR A 158 10.12 23.92 1.71
N ARG A 159 10.27 22.74 2.30
CA ARG A 159 9.18 22.08 3.03
C ARG A 159 9.70 21.44 4.29
N THR A 160 8.78 21.22 5.22
CA THR A 160 9.10 20.53 6.43
C THR A 160 8.04 19.50 6.78
N ASP A 161 8.39 18.60 7.67
CA ASP A 161 7.37 17.75 8.31
C ASP A 161 6.56 18.58 9.33
N ALA A 162 5.46 18.00 9.82
CA ALA A 162 4.57 18.73 10.75
C ALA A 162 5.28 19.26 11.99
N LYS A 163 6.22 18.49 12.52
CA LYS A 163 6.93 18.91 13.74
C LYS A 163 8.18 19.73 13.50
N GLN A 164 8.46 20.08 12.24
CA GLN A 164 9.62 20.90 11.88
C GLN A 164 10.93 20.29 12.40
N LYS A 165 11.03 18.98 12.31
CA LYS A 165 12.26 18.25 12.64
C LYS A 165 13.00 17.73 11.40
N TRP A 166 12.31 17.64 10.28
CA TRP A 166 12.88 17.20 9.01
C TRP A 166 12.60 18.31 8.02
N LEU A 167 13.68 18.83 7.43
CA LEU A 167 13.61 20.07 6.63
C LEU A 167 14.14 19.71 5.26
N LEU A 168 13.54 20.24 4.21
CA LEU A 168 13.93 19.90 2.83
C LEU A 168 13.96 21.11 1.93
N LEU A 169 15.16 21.41 1.41
CA LEU A 169 15.41 22.51 0.49
C LEU A 169 15.63 21.94 -0.90
N THR A 170 14.99 22.53 -1.91
CA THR A 170 15.10 22.05 -3.29
C THR A 170 15.54 23.14 -4.23
N GLY A 171 16.59 22.88 -5.00
CA GLY A 171 17.02 23.74 -6.10
C GLY A 171 17.12 23.00 -7.42
N ILE A 172 17.16 23.74 -8.51
CA ILE A 172 17.36 23.15 -9.83
C ILE A 172 18.42 23.93 -10.59
N SER A 173 19.01 23.25 -11.56
CA SER A 173 19.94 23.87 -12.50
C SER A 173 20.05 23.01 -13.77
N ALA A 174 20.72 23.54 -14.77
CA ALA A 174 20.95 22.81 -16.03
C ALA A 174 22.29 22.06 -15.95
N GLN A 175 22.28 20.75 -16.16
CA GLN A 175 23.52 19.94 -16.25
C GLN A 175 23.31 18.91 -17.34
N GLN A 176 24.28 18.78 -18.25
CA GLN A 176 24.20 17.84 -19.39
C GLN A 176 22.88 18.01 -20.14
N ASN A 177 22.49 19.25 -20.33
CA ASN A 177 21.27 19.59 -21.03
C ASN A 177 19.96 19.02 -20.48
N ARG A 178 19.84 18.96 -19.15
CA ARG A 178 18.57 18.64 -18.55
C ARG A 178 18.46 19.41 -17.25
N VAL A 179 17.24 19.57 -16.80
CA VAL A 179 17.00 20.20 -15.51
C VAL A 179 17.23 19.17 -14.43
N VAL A 180 18.25 19.40 -13.62
CA VAL A 180 18.61 18.47 -12.58
C VAL A 180 18.20 19.08 -11.24
N GLY A 181 17.51 18.28 -10.43
CA GLY A 181 17.14 18.69 -9.09
C GLY A 181 18.12 18.25 -8.02
N ALA A 182 18.40 19.16 -7.09
CA ALA A 182 19.28 18.91 -5.97
C ALA A 182 18.52 19.28 -4.71
N MET A 183 18.35 18.30 -3.83
N MET A 183 18.31 18.29 -3.84
CA MET A 183 17.71 18.50 -2.55
CA MET A 183 17.67 18.51 -2.55
C MET A 183 18.71 18.35 -1.42
C MET A 183 18.68 18.34 -1.42
N GLN A 184 18.43 19.07 -0.33
CA GLN A 184 19.16 18.93 0.90
C GLN A 184 18.11 18.59 1.97
N LEU A 185 18.20 17.38 2.53
CA LEU A 185 17.36 16.94 3.65
C LEU A 185 18.17 17.14 4.93
N TYR A 186 17.60 17.84 5.90
CA TYR A 186 18.29 18.12 7.14
C TYR A 186 17.47 17.57 8.29
N SER A 187 18.15 16.85 9.17
CA SER A 187 17.60 16.40 10.46
C SER A 187 17.96 17.37 11.55
N VAL A 188 16.95 18.02 12.11
CA VAL A 188 17.16 18.94 13.21
C VAL A 188 17.75 18.23 14.43
N ASP A 189 17.26 17.04 14.75
CA ASP A 189 17.77 16.31 15.92
C ASP A 189 19.18 15.76 15.76
N ARG A 190 19.51 15.25 14.58
N ARG A 190 19.51 15.24 14.59
CA ARG A 190 20.84 14.66 14.33
CA ARG A 190 20.85 14.66 14.35
C ARG A 190 21.88 15.69 13.89
C ARG A 190 21.88 15.69 13.87
N LYS A 191 21.41 16.85 13.42
CA LYS A 191 22.29 17.90 12.86
C LYS A 191 23.14 17.41 11.69
N VAL A 192 22.50 16.66 10.82
CA VAL A 192 23.10 16.03 9.67
C VAL A 192 22.24 16.37 8.45
N SER A 193 22.91 16.64 7.33
CA SER A 193 22.32 16.86 6.03
C SER A 193 22.63 15.69 5.11
N GLN A 194 21.72 15.41 4.21
CA GLN A 194 21.94 14.42 3.13
C GLN A 194 21.55 15.04 1.80
N PRO A 195 22.48 15.06 0.85
CA PRO A 195 22.14 15.54 -0.49
C PRO A 195 21.45 14.43 -1.26
N ILE A 196 20.35 14.77 -1.93
CA ILE A 196 19.53 13.80 -2.66
C ILE A 196 19.19 14.40 -4.00
N GLU A 197 19.32 13.62 -5.08
CA GLU A 197 18.81 14.07 -6.38
C GLU A 197 17.28 13.98 -6.37
N GLY A 198 16.61 15.12 -6.55
CA GLY A 198 15.15 15.14 -6.50
C GLY A 198 14.58 16.43 -7.06
N HIS A 199 13.35 16.32 -7.56
CA HIS A 199 12.63 17.44 -8.18
C HIS A 199 11.46 18.01 -7.40
N ALA A 200 10.68 17.16 -6.76
CA ALA A 200 9.53 17.64 -6.00
C ALA A 200 9.29 16.70 -4.86
N ALA A 201 8.81 17.25 -3.75
CA ALA A 201 8.65 16.43 -2.55
C ALA A 201 7.60 16.96 -1.60
N SER A 202 7.22 16.10 -0.65
CA SER A 202 6.35 16.47 0.46
C SER A 202 6.54 15.49 1.60
N PHE A 203 6.28 15.96 2.82
CA PHE A 203 6.17 15.07 3.94
C PHE A 203 4.71 14.73 4.17
N ALA A 204 4.43 13.68 4.94
CA ALA A 204 3.05 13.33 5.25
C ALA A 204 3.07 12.52 6.51
N GLN A 205 1.97 12.60 7.25
CA GLN A 205 1.73 11.76 8.40
C GLN A 205 0.85 10.59 7.95
N PHE A 206 1.22 9.38 8.33
CA PHE A 206 0.48 8.20 7.92
C PHE A 206 0.45 7.19 9.05
N LYS A 207 -0.77 6.80 9.50
CA LYS A 207 -0.88 5.79 10.54
C LYS A 207 -1.09 4.40 9.93
N MET A 208 -0.07 3.55 10.06
CA MET A 208 -0.14 2.19 9.54
C MET A 208 -1.10 1.38 10.38
N GLU A 209 -1.82 0.47 9.73
CA GLU A 209 -2.61 -0.49 10.47
C GLU A 209 -1.75 -1.19 11.51
N GLY A 210 -2.31 -1.37 12.70
CA GLY A 210 -1.61 -2.00 13.80
C GLY A 210 -0.70 -1.09 14.62
N ASN A 211 -0.43 0.13 14.16
CA ASN A 211 0.43 1.07 14.91
C ASN A 211 -0.41 2.01 15.74
N ALA A 212 0.07 2.29 16.94
CA ALA A 212 -0.60 3.25 17.79
C ALA A 212 -0.32 4.67 17.38
N GLU A 213 0.84 4.94 16.77
CA GLU A 213 1.25 6.28 16.40
C GLU A 213 1.46 6.42 14.89
N GLU A 214 1.27 7.65 14.42
CA GLU A 214 1.54 8.01 13.05
C GLU A 214 3.03 7.87 12.73
N SER A 215 3.31 7.47 11.49
CA SER A 215 4.64 7.53 10.88
C SER A 215 4.80 8.87 10.16
N THR A 216 6.00 9.44 10.19
CA THR A 216 6.35 10.57 9.35
C THR A 216 7.05 10.10 8.11
N LEU A 217 6.40 10.34 6.97
CA LEU A 217 6.90 9.89 5.69
C LEU A 217 7.43 11.07 4.88
N PHE A 218 8.49 10.79 4.15
CA PHE A 218 9.09 11.68 3.17
C PHE A 218 8.83 11.04 1.81
N CYS A 219 8.23 11.81 0.91
N CYS A 219 8.20 11.79 0.91
CA CYS A 219 7.95 11.36 -0.45
CA CYS A 219 7.93 11.35 -0.44
C CYS A 219 8.63 12.33 -1.39
C CYS A 219 8.58 12.31 -1.42
N PHE A 220 9.38 11.79 -2.35
CA PHE A 220 9.97 12.65 -3.39
C PHE A 220 9.93 11.96 -4.73
N ALA A 221 9.84 12.77 -5.76
CA ALA A 221 9.86 12.33 -7.14
C ALA A 221 11.06 12.97 -7.81
N VAL A 222 11.69 12.22 -8.70
CA VAL A 222 12.87 12.66 -9.42
C VAL A 222 12.84 12.08 -10.82
N ARG A 223 13.24 12.89 -11.80
CA ARG A 223 13.73 12.38 -13.07
C ARG A 223 15.25 12.41 -13.05
N GLY A 224 15.82 11.22 -12.93
CA GLY A 224 17.25 11.04 -12.95
C GLY A 224 17.70 10.68 -14.35
N GLN A 225 19.00 10.44 -14.51
CA GLN A 225 19.54 10.10 -15.83
C GLN A 225 18.93 8.77 -16.34
N ALA A 226 18.76 7.81 -15.42
CA ALA A 226 18.15 6.51 -15.72
C ALA A 226 16.61 6.51 -15.88
N GLY A 227 15.92 7.54 -15.40
CA GLY A 227 14.45 7.64 -15.57
C GLY A 227 13.77 8.23 -14.33
N GLY A 228 12.44 8.15 -14.31
CA GLY A 228 11.65 8.77 -13.24
C GLY A 228 11.44 7.79 -12.11
N LYS A 229 11.51 8.29 -10.87
CA LYS A 229 11.30 7.43 -9.71
C LYS A 229 10.58 8.25 -8.65
N LEU A 230 9.72 7.56 -7.91
CA LEU A 230 9.07 8.10 -6.75
C LEU A 230 9.40 7.25 -5.55
N HIS A 231 9.80 7.89 -4.46
CA HIS A 231 10.17 7.21 -3.21
C HIS A 231 9.27 7.62 -2.09
N ILE A 232 8.93 6.68 -1.23
CA ILE A 232 8.15 6.94 -0.03
C ILE A 232 8.84 6.22 1.08
N ILE A 233 9.29 6.98 2.07
CA ILE A 233 10.21 6.44 3.04
C ILE A 233 10.00 7.10 4.38
N GLU A 234 10.03 6.31 5.44
CA GLU A 234 9.86 6.86 6.78
C GLU A 234 11.15 7.59 7.21
N VAL A 235 11.01 8.77 7.81
CA VAL A 235 12.18 9.47 8.32
C VAL A 235 12.24 9.32 9.82
N GLY A 236 13.43 9.03 10.34
CA GLY A 236 13.64 9.00 11.78
C GLY A 236 13.37 7.61 12.30
N THR A 237 13.46 7.46 13.61
CA THR A 237 13.22 6.18 14.27
C THR A 237 11.73 6.09 14.47
N PRO A 238 11.13 4.92 14.18
CA PRO A 238 9.69 4.85 14.45
C PRO A 238 9.38 5.12 15.93
N PRO A 239 8.24 5.76 16.22
CA PRO A 239 7.82 5.84 17.62
C PRO A 239 7.88 4.46 18.30
N THR A 240 8.16 4.44 19.59
CA THR A 240 8.27 3.18 20.31
C THR A 240 6.92 2.43 20.21
N GLY A 241 6.97 1.13 20.00
CA GLY A 241 5.76 0.34 19.74
C GLY A 241 5.40 0.15 18.26
N ASN A 242 5.81 1.07 17.38
CA ASN A 242 5.42 1.03 15.96
C ASN A 242 6.21 0.02 15.15
N GLN A 243 5.56 -0.66 14.21
CA GLN A 243 6.28 -1.27 13.10
C GLN A 243 6.82 -0.17 12.20
N PRO A 244 8.03 -0.36 11.65
CA PRO A 244 8.53 0.64 10.68
C PRO A 244 7.73 0.58 9.37
N PHE A 245 7.57 1.71 8.73
CA PHE A 245 6.93 1.75 7.42
C PHE A 245 7.89 1.14 6.41
N PRO A 246 7.42 0.16 5.62
CA PRO A 246 8.32 -0.40 4.58
C PRO A 246 8.48 0.56 3.40
N LYS A 247 9.72 0.90 3.07
CA LYS A 247 9.92 1.94 2.07
C LYS A 247 9.49 1.45 0.70
N LYS A 248 9.02 2.37 -0.12
CA LYS A 248 8.56 2.06 -1.46
C LYS A 248 9.34 2.88 -2.44
N ALA A 249 9.57 2.28 -3.60
CA ALA A 249 10.17 2.98 -4.73
C ALA A 249 9.49 2.51 -6.00
N VAL A 250 8.95 3.43 -6.78
CA VAL A 250 8.20 3.08 -7.98
C VAL A 250 8.62 3.97 -9.14
N ASP A 251 8.33 3.51 -10.36
CA ASP A 251 8.62 4.32 -11.56
C ASP A 251 7.69 5.51 -11.69
N VAL A 252 8.21 6.59 -12.27
CA VAL A 252 7.42 7.74 -12.66
C VAL A 252 7.54 7.81 -14.17
N PHE A 253 6.43 7.63 -14.86
CA PHE A 253 6.44 7.50 -16.31
C PHE A 253 6.48 8.86 -16.99
N PHE A 254 7.30 8.97 -18.05
CA PHE A 254 7.27 10.10 -18.98
C PHE A 254 7.20 9.49 -20.36
N PRO A 255 6.22 9.94 -21.17
CA PRO A 255 6.09 9.36 -22.52
C PRO A 255 7.22 9.83 -23.44
N PRO A 256 7.43 9.13 -24.58
CA PRO A 256 8.59 9.42 -25.45
C PRO A 256 8.66 10.86 -25.94
N GLU A 257 7.50 11.50 -26.08
CA GLU A 257 7.42 12.90 -26.54
C GLU A 257 7.67 13.95 -25.45
N ALA A 258 7.81 13.49 -24.20
CA ALA A 258 8.03 14.36 -23.06
C ALA A 258 9.44 14.12 -22.50
N GLN A 259 10.43 14.04 -23.40
CA GLN A 259 11.84 13.71 -23.05
C GLN A 259 12.46 14.72 -22.09
N ASN A 260 11.95 15.94 -22.08
CA ASN A 260 12.49 17.02 -21.28
C ASN A 260 11.57 17.43 -20.13
N ASP A 261 10.52 16.65 -19.88
CA ASP A 261 9.62 16.92 -18.75
C ASP A 261 10.25 16.42 -17.44
N PHE A 262 9.79 17.00 -16.33
CA PHE A 262 10.22 16.60 -15.01
C PHE A 262 9.20 17.04 -13.96
N PRO A 263 9.26 16.44 -12.76
CA PRO A 263 8.27 16.81 -11.73
C PRO A 263 8.50 18.23 -11.20
N VAL A 264 7.43 19.00 -11.01
CA VAL A 264 7.53 20.33 -10.42
C VAL A 264 6.71 20.56 -9.14
N ALA A 265 5.72 19.72 -8.84
CA ALA A 265 4.95 19.97 -7.64
C ALA A 265 4.40 18.67 -7.09
N MET A 266 4.31 18.61 -5.78
CA MET A 266 3.71 17.49 -5.08
C MET A 266 2.86 17.98 -3.94
N GLN A 267 1.66 17.42 -3.79
CA GLN A 267 0.87 17.60 -2.58
C GLN A 267 0.28 16.23 -2.21
N ILE A 268 0.16 15.98 -0.91
CA ILE A 268 -0.32 14.71 -0.44
C ILE A 268 -1.63 14.95 0.29
N SER A 269 -2.66 14.17 -0.04
CA SER A 269 -3.92 14.25 0.68
C SER A 269 -3.85 13.24 1.82
N GLU A 270 -3.90 13.71 3.06
CA GLU A 270 -4.02 12.76 4.18
C GLU A 270 -5.48 12.32 4.43
N LYS A 271 -6.46 12.96 3.79
CA LYS A 271 -7.81 12.43 3.77
C LYS A 271 -7.93 11.11 2.98
N HIS A 272 -7.30 11.05 1.82
CA HIS A 272 -7.35 9.89 0.92
C HIS A 272 -6.06 9.08 0.85
N ASP A 273 -4.97 9.61 1.46
CA ASP A 273 -3.65 8.99 1.42
C ASP A 273 -3.22 8.73 0.00
N VAL A 274 -3.26 9.82 -0.77
CA VAL A 274 -2.80 9.81 -2.16
C VAL A 274 -1.83 10.96 -2.35
N VAL A 275 -0.93 10.77 -3.32
CA VAL A 275 0.07 11.74 -3.71
C VAL A 275 -0.32 12.29 -5.06
N PHE A 276 -0.46 13.62 -5.14
CA PHE A 276 -0.61 14.27 -6.41
C PHE A 276 0.74 14.77 -6.88
N LEU A 277 1.09 14.47 -8.10
CA LEU A 277 2.36 14.93 -8.70
C LEU A 277 2.05 15.66 -9.99
N ILE A 278 2.54 16.90 -10.15
CA ILE A 278 2.40 17.61 -11.38
C ILE A 278 3.77 17.84 -12.02
N THR A 279 3.85 17.67 -13.32
CA THR A 279 5.09 17.86 -14.07
C THR A 279 5.15 19.25 -14.71
N LYS A 280 6.34 19.65 -15.10
N LYS A 280 6.35 19.65 -15.11
CA LYS A 280 6.61 20.97 -15.71
CA LYS A 280 6.59 20.98 -15.69
C LYS A 280 5.67 21.24 -16.87
C LYS A 280 5.67 21.26 -16.87
N TYR A 281 5.52 20.27 -17.76
CA TYR A 281 4.75 20.44 -19.00
C TYR A 281 3.30 19.92 -18.95
N GLY A 282 2.72 19.90 -17.75
CA GLY A 282 1.28 19.81 -17.59
C GLY A 282 0.65 18.48 -17.27
N TYR A 283 1.42 17.45 -16.92
CA TYR A 283 0.84 16.15 -16.60
C TYR A 283 0.54 16.05 -15.10
N ILE A 284 -0.54 15.35 -14.75
CA ILE A 284 -0.91 15.04 -13.39
C ILE A 284 -0.82 13.51 -13.21
N HIS A 285 -0.23 13.09 -12.11
CA HIS A 285 -0.17 11.68 -11.71
C HIS A 285 -0.76 11.61 -10.31
N LEU A 286 -1.42 10.51 -10.04
CA LEU A 286 -1.89 10.20 -8.73
C LEU A 286 -1.29 8.88 -8.31
N TYR A 287 -0.68 8.86 -7.11
CA TYR A 287 -0.12 7.62 -6.53
C TYR A 287 -0.75 7.31 -5.19
N ASP A 288 -0.88 6.02 -4.88
CA ASP A 288 -1.24 5.61 -3.52
C ASP A 288 -0.07 5.91 -2.56
N LEU A 289 -0.34 6.54 -1.41
CA LEU A 289 0.76 6.88 -0.47
C LEU A 289 1.34 5.64 0.21
N GLU A 290 0.48 4.66 0.48
CA GLU A 290 0.89 3.49 1.20
C GLU A 290 1.80 2.59 0.37
N THR A 291 1.45 2.32 -0.90
CA THR A 291 2.20 1.38 -1.74
C THR A 291 2.97 2.02 -2.82
N GLY A 292 2.65 3.26 -3.15
CA GLY A 292 3.26 3.91 -4.31
C GLY A 292 2.64 3.50 -5.64
N THR A 293 1.60 2.68 -5.62
CA THR A 293 0.93 2.28 -6.87
C THR A 293 0.43 3.50 -7.62
N CYS A 294 0.75 3.59 -8.92
CA CYS A 294 0.25 4.65 -9.78
C CYS A 294 -1.21 4.41 -10.12
N ILE A 295 -2.07 5.29 -9.66
CA ILE A 295 -3.51 5.18 -9.91
C ILE A 295 -3.95 5.79 -11.26
N TYR A 296 -3.36 6.90 -11.65
CA TYR A 296 -3.86 7.66 -12.79
C TYR A 296 -2.80 8.61 -13.26
N MET A 297 -2.75 8.81 -14.57
CA MET A 297 -1.94 9.86 -15.18
C MET A 297 -2.73 10.49 -16.32
N ASN A 298 -2.63 11.81 -16.45
CA ASN A 298 -3.15 12.49 -17.65
C ASN A 298 -2.51 13.86 -17.83
N ARG A 299 -2.57 14.41 -19.05
CA ARG A 299 -2.19 15.80 -19.29
C ARG A 299 -3.35 16.75 -19.01
N ILE A 300 -3.16 17.69 -18.09
CA ILE A 300 -4.25 18.57 -17.58
C ILE A 300 -3.99 20.06 -17.67
N SER A 301 -2.80 20.45 -18.11
CA SER A 301 -2.53 21.84 -18.48
C SER A 301 -1.78 21.81 -19.82
N GLY A 302 -2.09 22.79 -20.65
CA GLY A 302 -1.21 23.09 -21.78
C GLY A 302 0.01 23.80 -21.23
N GLU A 303 -0.27 24.73 -20.33
CA GLU A 303 0.70 25.64 -19.80
C GLU A 303 1.38 25.08 -18.57
N THR A 304 2.62 25.51 -18.32
CA THR A 304 3.36 25.13 -17.17
C THR A 304 2.64 25.68 -15.91
N ILE A 305 2.49 24.81 -14.91
CA ILE A 305 1.92 25.15 -13.62
C ILE A 305 3.12 25.41 -12.75
N PHE A 306 3.22 26.59 -12.15
CA PHE A 306 4.46 27.01 -11.50
C PHE A 306 4.33 27.18 -9.99
N VAL A 307 3.13 27.10 -9.44
CA VAL A 307 2.92 27.22 -7.99
C VAL A 307 1.70 26.38 -7.61
N THR A 308 1.76 25.68 -6.48
CA THR A 308 0.62 24.90 -6.00
C THR A 308 0.50 25.01 -4.50
N ALA A 309 -0.66 24.63 -3.98
CA ALA A 309 -0.92 24.54 -2.55
C ALA A 309 -1.89 23.41 -2.34
N PRO A 310 -2.00 22.91 -1.09
CA PRO A 310 -3.08 22.00 -0.81
C PRO A 310 -4.44 22.72 -1.03
N HIS A 311 -5.42 21.99 -1.54
CA HIS A 311 -6.77 22.50 -1.69
C HIS A 311 -7.62 21.91 -0.57
N GLU A 312 -7.79 22.74 0.47
CA GLU A 312 -8.37 22.29 1.74
C GLU A 312 -9.77 21.71 1.63
N ALA A 313 -10.64 22.35 0.86
CA ALA A 313 -12.01 21.89 0.76
C ALA A 313 -12.10 20.44 0.22
N THR A 314 -11.33 20.12 -0.84
CA THR A 314 -11.40 18.81 -1.52
C THR A 314 -10.28 17.84 -1.11
N ALA A 315 -9.40 18.29 -0.21
CA ALA A 315 -8.15 17.62 0.12
C ALA A 315 -7.37 17.26 -1.15
N GLY A 316 -7.29 18.21 -2.07
CA GLY A 316 -6.65 18.03 -3.35
C GLY A 316 -5.46 18.99 -3.48
N ILE A 317 -5.22 19.38 -4.71
CA ILE A 317 -4.13 20.27 -5.06
C ILE A 317 -4.68 21.40 -5.91
N ILE A 318 -4.27 22.63 -5.63
CA ILE A 318 -4.69 23.80 -6.41
C ILE A 318 -3.44 24.45 -6.97
N GLY A 319 -3.54 25.01 -8.17
CA GLY A 319 -2.36 25.50 -8.84
C GLY A 319 -2.69 26.63 -9.80
N VAL A 320 -1.66 27.35 -10.21
CA VAL A 320 -1.80 28.43 -11.16
C VAL A 320 -0.83 28.15 -12.31
N ASN A 321 -1.35 28.23 -13.54
CA ASN A 321 -0.53 28.10 -14.75
C ASN A 321 -0.17 29.45 -15.36
N ARG A 322 0.73 29.43 -16.33
CA ARG A 322 1.29 30.67 -16.89
C ARG A 322 0.25 31.55 -17.60
N LYS A 323 -0.85 30.95 -18.02
CA LYS A 323 -1.97 31.70 -18.59
C LYS A 323 -2.75 32.48 -17.53
N GLY A 324 -2.62 32.06 -16.28
CA GLY A 324 -3.41 32.60 -15.18
C GLY A 324 -4.65 31.79 -14.85
N GLN A 325 -4.74 30.57 -15.34
CA GLN A 325 -5.79 29.70 -14.90
C GLN A 325 -5.48 29.17 -13.49
N VAL A 326 -6.44 29.29 -12.59
CA VAL A 326 -6.36 28.74 -11.25
C VAL A 326 -7.23 27.47 -11.26
N LEU A 327 -6.58 26.34 -11.04
CA LEU A 327 -7.19 25.04 -11.27
C LEU A 327 -6.93 24.12 -10.09
N SER A 328 -7.91 23.28 -9.73
CA SER A 328 -7.69 22.26 -8.72
C SER A 328 -7.99 20.89 -9.27
N VAL A 329 -7.37 19.90 -8.62
CA VAL A 329 -7.55 18.48 -8.91
C VAL A 329 -7.72 17.80 -7.56
N CYS A 330 -8.70 16.90 -7.47
CA CYS A 330 -8.94 16.16 -6.25
C CYS A 330 -9.47 14.76 -6.59
N VAL A 331 -9.49 13.90 -5.58
CA VAL A 331 -10.08 12.58 -5.71
C VAL A 331 -11.59 12.73 -5.93
N GLU A 332 -12.09 12.07 -6.97
CA GLU A 332 -13.53 11.94 -7.20
C GLU A 332 -14.00 10.75 -6.37
N GLU A 333 -14.60 11.05 -5.23
CA GLU A 333 -14.86 10.04 -4.20
C GLU A 333 -15.83 8.95 -4.60
N GLU A 334 -16.74 9.23 -5.54
CA GLU A 334 -17.67 8.24 -6.03
C GLU A 334 -17.10 7.35 -7.11
N ASN A 335 -16.05 7.80 -7.79
CA ASN A 335 -15.50 7.06 -8.94
C ASN A 335 -14.19 6.34 -8.68
N ILE A 336 -13.42 6.78 -7.69
CA ILE A 336 -12.05 6.24 -7.54
C ILE A 336 -12.02 4.72 -7.31
N ILE A 337 -12.91 4.19 -6.48
CA ILE A 337 -12.88 2.76 -6.19
C ILE A 337 -13.31 1.92 -7.43
N PRO A 338 -14.43 2.24 -8.10
CA PRO A 338 -14.72 1.44 -9.29
C PRO A 338 -13.70 1.64 -10.40
N TYR A 339 -13.03 2.79 -10.45
CA TYR A 339 -11.95 2.98 -11.43
C TYR A 339 -10.79 2.02 -11.20
N ILE A 340 -10.36 1.94 -9.95
CA ILE A 340 -9.24 1.06 -9.58
C ILE A 340 -9.61 -0.43 -9.80
N THR A 341 -10.81 -0.80 -9.43
CA THR A 341 -11.30 -2.17 -9.68
C THR A 341 -11.39 -2.51 -11.17
N ASN A 342 -12.00 -1.65 -11.97
CA ASN A 342 -12.39 -2.02 -13.35
C ASN A 342 -11.45 -1.55 -14.46
N VAL A 343 -10.84 -0.40 -14.27
CA VAL A 343 -9.91 0.12 -15.28
C VAL A 343 -8.48 -0.34 -14.95
N LEU A 344 -8.04 -0.14 -13.71
CA LEU A 344 -6.71 -0.64 -13.30
C LEU A 344 -6.69 -2.12 -13.03
N GLN A 345 -7.86 -2.71 -12.81
CA GLN A 345 -7.95 -4.14 -12.53
C GLN A 345 -7.12 -4.53 -11.32
N ASN A 346 -7.21 -3.71 -10.28
CA ASN A 346 -6.48 -3.94 -9.06
C ASN A 346 -7.48 -4.01 -7.91
N PRO A 347 -8.20 -5.14 -7.79
CA PRO A 347 -9.14 -5.25 -6.68
C PRO A 347 -8.53 -5.16 -5.28
N ASP A 348 -7.27 -5.61 -5.11
N ASP A 348 -7.29 -5.62 -5.13
CA ASP A 348 -6.61 -5.49 -3.82
CA ASP A 348 -6.58 -5.54 -3.85
C ASP A 348 -6.47 -4.03 -3.38
C ASP A 348 -6.39 -4.09 -3.38
N LEU A 349 -5.95 -3.19 -4.27
CA LEU A 349 -5.84 -1.76 -3.94
C LEU A 349 -7.22 -1.14 -3.72
N ALA A 350 -8.17 -1.50 -4.58
CA ALA A 350 -9.53 -0.97 -4.50
C ALA A 350 -10.13 -1.24 -3.13
N LEU A 351 -10.05 -2.49 -2.69
CA LEU A 351 -10.60 -2.89 -1.40
C LEU A 351 -9.92 -2.17 -0.24
N ARG A 352 -8.57 -2.12 -0.27
CA ARG A 352 -7.78 -1.45 0.73
C ARG A 352 -8.19 0.04 0.84
N MET A 353 -8.24 0.74 -0.28
CA MET A 353 -8.55 2.16 -0.22
C MET A 353 -9.99 2.42 0.21
N ALA A 354 -10.90 1.55 -0.22
CA ALA A 354 -12.31 1.66 0.18
C ALA A 354 -12.46 1.65 1.69
N VAL A 355 -11.81 0.69 2.33
CA VAL A 355 -11.85 0.54 3.79
C VAL A 355 -10.96 1.57 4.51
N ARG A 356 -9.76 1.81 3.99
CA ARG A 356 -8.81 2.73 4.63
C ARG A 356 -9.35 4.16 4.71
N ASN A 357 -9.96 4.62 3.64
CA ASN A 357 -10.35 6.01 3.54
C ASN A 357 -11.86 6.14 3.46
N ASN A 358 -12.58 5.08 3.81
CA ASN A 358 -14.03 5.14 3.98
C ASN A 358 -14.76 5.58 2.71
N LEU A 359 -14.42 4.93 1.58
CA LEU A 359 -14.95 5.28 0.26
C LEU A 359 -15.88 4.19 -0.25
N ALA A 360 -16.95 4.60 -0.96
CA ALA A 360 -17.91 3.64 -1.51
C ALA A 360 -17.38 2.99 -2.79
N GLY A 361 -17.87 1.81 -3.13
CA GLY A 361 -17.60 1.18 -4.42
C GLY A 361 -17.03 -0.22 -4.39
N ALA A 362 -16.51 -0.69 -3.24
CA ALA A 362 -15.87 -2.03 -3.17
C ALA A 362 -16.83 -3.13 -2.69
N GLU A 363 -18.13 -2.80 -2.73
CA GLU A 363 -19.22 -3.71 -2.42
C GLU A 363 -19.26 -4.83 -3.48
N GLU A 364 -18.81 -4.52 -4.70
CA GLU A 364 -18.60 -5.53 -5.76
C GLU A 364 -17.25 -5.30 -6.46
N LEU A 365 -16.46 -6.37 -6.56
CA LEU A 365 -15.05 -6.34 -6.98
C LEU A 365 -14.75 -7.25 -8.19
N ILE B 6 11.98 -18.21 25.75
CA ILE B 6 11.75 -19.16 24.62
C ILE B 6 10.46 -18.86 23.87
N LEU B 7 10.42 -19.28 22.61
CA LEU B 7 9.25 -19.12 21.78
C LEU B 7 8.78 -20.49 21.39
N PRO B 8 7.46 -20.69 21.25
CA PRO B 8 6.92 -21.96 20.80
C PRO B 8 6.97 -22.12 19.28
N ILE B 9 7.41 -21.08 18.55
CA ILE B 9 7.49 -21.12 17.09
C ILE B 9 8.88 -20.69 16.67
N ARG B 10 9.25 -21.08 15.44
CA ARG B 10 10.49 -20.68 14.83
C ARG B 10 10.16 -20.04 13.48
N PHE B 11 10.74 -18.86 13.28
CA PHE B 11 10.59 -18.07 12.07
C PHE B 11 11.86 -18.26 11.24
N GLN B 12 11.70 -18.35 9.93
CA GLN B 12 12.84 -18.42 9.05
C GLN B 12 12.59 -17.63 7.75
N GLU B 13 13.57 -16.83 7.33
CA GLU B 13 13.51 -16.18 6.02
C GLU B 13 14.21 -17.09 5.06
N HIS B 14 13.55 -17.43 3.97
CA HIS B 14 14.12 -18.31 2.94
C HIS B 14 14.74 -17.54 1.80
N LEU B 15 14.09 -16.45 1.39
CA LEU B 15 14.46 -15.69 0.20
C LEU B 15 13.98 -14.28 0.32
N GLN B 16 14.70 -13.37 -0.31
CA GLN B 16 14.17 -12.06 -0.70
C GLN B 16 14.08 -12.05 -2.22
N LEU B 17 12.86 -11.99 -2.77
CA LEU B 17 12.68 -12.07 -4.22
C LEU B 17 13.33 -10.92 -4.98
N GLN B 18 13.40 -9.76 -4.33
CA GLN B 18 14.04 -8.61 -4.98
C GLN B 18 15.55 -8.86 -5.22
N ASN B 19 16.18 -9.74 -4.46
CA ASN B 19 17.58 -10.13 -4.71
C ASN B 19 17.74 -10.97 -5.97
N LEU B 20 16.64 -11.48 -6.51
CA LEU B 20 16.64 -12.30 -7.73
C LEU B 20 16.18 -11.53 -8.96
N GLY B 21 16.12 -10.20 -8.87
CA GLY B 21 15.68 -9.36 -9.97
C GLY B 21 14.19 -9.16 -10.14
N ILE B 22 13.38 -9.64 -9.22
CA ILE B 22 11.93 -9.50 -9.36
C ILE B 22 11.53 -8.06 -9.07
N ASN B 23 10.78 -7.47 -9.99
CA ASN B 23 10.23 -6.15 -9.79
C ASN B 23 9.16 -6.22 -8.71
N PRO B 24 9.26 -5.33 -7.69
CA PRO B 24 8.26 -5.28 -6.63
C PRO B 24 6.80 -5.07 -7.09
N ALA B 25 6.58 -4.41 -8.21
CA ALA B 25 5.24 -4.27 -8.82
C ALA B 25 4.57 -5.60 -9.17
N ASN B 26 5.38 -6.63 -9.39
CA ASN B 26 4.84 -7.99 -9.67
C ASN B 26 4.75 -8.94 -8.48
N ILE B 27 5.06 -8.43 -7.29
CA ILE B 27 4.95 -9.20 -6.08
C ILE B 27 3.59 -8.88 -5.45
N GLY B 28 2.59 -9.65 -5.85
CA GLY B 28 1.23 -9.47 -5.37
C GLY B 28 0.36 -10.60 -5.82
N PHE B 29 -0.90 -10.58 -5.33
CA PHE B 29 -1.81 -11.70 -5.46
C PHE B 29 -2.09 -12.09 -6.92
N SER B 30 -2.15 -11.13 -7.82
CA SER B 30 -2.54 -11.45 -9.19
C SER B 30 -1.40 -11.95 -10.08
N THR B 31 -0.16 -11.73 -9.67
CA THR B 31 0.99 -12.07 -10.50
C THR B 31 1.96 -13.09 -9.89
N LEU B 32 1.88 -13.37 -8.60
CA LEU B 32 2.82 -14.27 -7.97
C LEU B 32 2.04 -15.39 -7.37
N THR B 33 2.39 -16.64 -7.71
CA THR B 33 1.68 -17.79 -7.14
C THR B 33 2.67 -18.73 -6.48
N MET B 34 2.18 -19.39 -5.44
CA MET B 34 2.98 -20.30 -4.64
C MET B 34 2.00 -21.36 -4.17
N GLU B 35 1.84 -22.38 -5.02
CA GLU B 35 0.82 -23.42 -4.80
C GLU B 35 1.30 -24.48 -3.82
N SER B 36 2.60 -24.57 -3.61
CA SER B 36 3.21 -25.40 -2.59
C SER B 36 4.54 -24.74 -2.23
N ASP B 37 5.29 -25.38 -1.32
CA ASP B 37 6.61 -24.86 -0.96
C ASP B 37 7.72 -25.14 -1.94
N LYS B 38 7.43 -25.79 -3.05
CA LYS B 38 8.45 -26.22 -4.01
C LYS B 38 8.80 -25.18 -5.05
N PHE B 39 7.85 -24.35 -5.45
N PHE B 39 7.84 -24.34 -5.44
CA PHE B 39 8.03 -23.39 -6.54
CA PHE B 39 8.01 -23.40 -6.54
C PHE B 39 7.33 -22.08 -6.27
C PHE B 39 7.33 -22.08 -6.26
N ILE B 40 7.88 -21.00 -6.79
CA ILE B 40 7.17 -19.71 -6.85
C ILE B 40 7.19 -19.31 -8.33
N CYS B 41 6.03 -18.90 -8.86
CA CYS B 41 5.98 -18.39 -10.23
C CYS B 41 5.56 -16.93 -10.20
N ILE B 42 6.24 -16.10 -10.96
CA ILE B 42 5.90 -14.68 -11.07
C ILE B 42 5.73 -14.30 -12.52
N ARG B 43 4.59 -13.73 -12.87
CA ARG B 43 4.38 -13.15 -14.22
C ARG B 43 4.92 -11.72 -14.25
N GLU B 44 5.78 -11.44 -15.25
CA GLU B 44 6.43 -10.15 -15.44
C GLU B 44 6.36 -9.77 -16.91
N LYS B 45 6.43 -8.48 -17.20
CA LYS B 45 6.57 -7.97 -18.57
C LYS B 45 7.92 -7.29 -18.63
N VAL B 46 8.83 -7.84 -19.42
CA VAL B 46 10.16 -7.29 -19.65
C VAL B 46 10.17 -6.82 -21.09
N GLY B 47 10.19 -5.50 -21.28
CA GLY B 47 10.03 -4.89 -22.60
C GLY B 47 8.67 -5.18 -23.19
N GLU B 48 8.68 -5.69 -24.42
CA GLU B 48 7.45 -6.10 -25.09
C GLU B 48 6.90 -7.44 -24.56
N GLN B 49 7.78 -8.32 -24.06
CA GLN B 49 7.42 -9.73 -23.85
C GLN B 49 6.98 -10.05 -22.42
N ALA B 50 5.77 -10.58 -22.29
CA ALA B 50 5.33 -11.19 -21.05
C ALA B 50 6.14 -12.48 -20.82
N GLN B 51 6.56 -12.67 -19.56
CA GLN B 51 7.29 -13.85 -19.12
C GLN B 51 6.74 -14.40 -17.81
N VAL B 52 7.08 -15.68 -17.56
CA VAL B 52 6.96 -16.27 -16.22
C VAL B 52 8.35 -16.54 -15.70
N VAL B 53 8.59 -16.12 -14.45
CA VAL B 53 9.79 -16.44 -13.74
C VAL B 53 9.45 -17.60 -12.78
N ILE B 54 10.19 -18.69 -12.88
CA ILE B 54 9.94 -19.89 -12.11
C ILE B 54 11.13 -20.09 -11.20
N ILE B 55 10.86 -19.98 -9.90
CA ILE B 55 11.85 -20.14 -8.88
C ILE B 55 11.67 -21.51 -8.23
N ASP B 56 12.69 -22.34 -8.42
CA ASP B 56 12.75 -23.65 -7.82
C ASP B 56 13.28 -23.45 -6.44
N MET B 57 12.49 -23.77 -5.42
CA MET B 57 12.88 -23.47 -4.05
C MET B 57 14.04 -24.34 -3.55
N ASN B 58 14.33 -25.45 -4.21
CA ASN B 58 15.60 -26.18 -4.00
C ASN B 58 16.82 -25.60 -4.71
N ASP B 59 16.65 -24.64 -5.62
CA ASP B 59 17.77 -23.98 -6.31
C ASP B 59 17.39 -22.56 -6.64
N PRO B 60 17.17 -21.75 -5.60
CA PRO B 60 16.48 -20.48 -5.82
C PRO B 60 17.32 -19.41 -6.50
N SER B 61 18.64 -19.55 -6.46
CA SER B 61 19.49 -18.53 -7.05
C SER B 61 19.56 -18.62 -8.57
N ASN B 62 18.99 -19.69 -9.16
CA ASN B 62 18.95 -19.87 -10.61
C ASN B 62 17.51 -19.92 -11.18
N PRO B 63 16.76 -18.80 -11.05
CA PRO B 63 15.42 -18.79 -11.62
C PRO B 63 15.45 -18.90 -13.13
N ILE B 64 14.39 -19.45 -13.69
CA ILE B 64 14.25 -19.58 -15.12
C ILE B 64 13.13 -18.70 -15.61
N ARG B 65 13.41 -17.97 -16.70
N ARG B 65 13.38 -18.01 -16.72
CA ARG B 65 12.45 -17.07 -17.35
CA ARG B 65 12.41 -17.09 -17.31
C ARG B 65 12.01 -17.64 -18.69
C ARG B 65 12.01 -17.57 -18.70
N ARG B 66 10.69 -17.71 -18.92
CA ARG B 66 10.16 -18.26 -20.16
C ARG B 66 9.06 -17.35 -20.66
N PRO B 67 9.01 -17.09 -21.99
CA PRO B 67 7.93 -16.31 -22.58
C PRO B 67 6.57 -16.98 -22.40
N ILE B 68 5.55 -16.18 -22.13
CA ILE B 68 4.19 -16.64 -22.03
C ILE B 68 3.23 -15.66 -22.67
N SER B 69 1.99 -16.12 -22.87
CA SER B 69 0.91 -15.25 -23.24
C SER B 69 -0.32 -15.61 -22.44
N ALA B 70 -0.16 -15.66 -21.12
CA ALA B 70 -1.19 -16.14 -20.21
C ALA B 70 -1.52 -15.05 -19.22
N ASP B 71 -2.74 -15.08 -18.69
CA ASP B 71 -3.13 -14.16 -17.63
C ASP B 71 -2.91 -14.73 -16.25
N SER B 72 -2.50 -15.99 -16.13
CA SER B 72 -2.31 -16.62 -14.84
C SER B 72 -1.50 -17.88 -15.03
N ALA B 73 -0.63 -18.16 -14.07
CA ALA B 73 0.25 -19.33 -14.12
C ALA B 73 0.32 -19.96 -12.75
N ILE B 74 0.01 -21.25 -12.64
CA ILE B 74 0.08 -21.94 -11.37
C ILE B 74 0.83 -23.28 -11.53
N MET B 75 1.91 -23.42 -10.80
CA MET B 75 2.71 -24.65 -10.82
C MET B 75 2.04 -25.73 -9.99
N ASN B 76 2.08 -26.97 -10.50
CA ASN B 76 1.70 -28.16 -9.74
C ASN B 76 2.43 -28.19 -8.40
N PRO B 77 1.78 -28.73 -7.36
CA PRO B 77 2.42 -28.71 -6.05
C PRO B 77 3.71 -29.52 -5.93
N ALA B 78 3.87 -30.55 -6.76
CA ALA B 78 5.02 -31.49 -6.63
C ALA B 78 5.92 -31.65 -7.86
N SER B 79 5.45 -31.30 -9.03
CA SER B 79 6.19 -31.57 -10.28
C SER B 79 6.28 -30.27 -11.06
N LYS B 80 7.27 -30.18 -11.93
CA LYS B 80 7.37 -29.09 -12.90
C LYS B 80 6.38 -29.23 -14.04
N VAL B 81 5.11 -29.14 -13.67
CA VAL B 81 3.98 -29.22 -14.54
C VAL B 81 3.25 -27.91 -14.24
N ILE B 82 2.98 -27.10 -15.24
CA ILE B 82 2.46 -25.75 -15.03
C ILE B 82 1.15 -25.58 -15.78
N ALA B 83 0.16 -24.98 -15.11
CA ALA B 83 -1.11 -24.63 -15.71
C ALA B 83 -1.12 -23.15 -16.05
N LEU B 84 -1.45 -22.85 -17.31
CA LEU B 84 -1.56 -21.46 -17.76
C LEU B 84 -2.94 -21.28 -18.36
N LYS B 85 -3.46 -20.08 -18.21
CA LYS B 85 -4.70 -19.73 -18.85
C LYS B 85 -4.67 -18.34 -19.47
N ALA B 86 -5.52 -18.17 -20.48
CA ALA B 86 -5.78 -16.90 -21.16
C ALA B 86 -7.28 -16.85 -21.47
N GLY B 87 -8.02 -16.19 -20.58
CA GLY B 87 -9.45 -16.10 -20.66
C GLY B 87 -10.11 -17.46 -20.45
N LYS B 88 -10.57 -18.05 -21.54
CA LYS B 88 -11.27 -19.33 -21.47
C LYS B 88 -10.33 -20.48 -21.80
N THR B 89 -9.16 -20.16 -22.35
CA THR B 89 -8.21 -21.17 -22.81
C THR B 89 -7.32 -21.61 -21.67
N LEU B 90 -7.31 -22.93 -21.39
CA LEU B 90 -6.50 -23.53 -20.34
C LEU B 90 -5.52 -24.50 -20.95
N GLN B 91 -4.26 -24.43 -20.54
CA GLN B 91 -3.23 -25.34 -21.05
C GLN B 91 -2.31 -25.81 -19.96
N ILE B 92 -1.94 -27.07 -20.04
CA ILE B 92 -1.10 -27.70 -19.03
C ILE B 92 0.18 -28.20 -19.73
N PHE B 93 1.34 -27.83 -19.19
CA PHE B 93 2.63 -28.19 -19.80
C PHE B 93 3.47 -28.94 -18.81
N ASN B 94 4.13 -30.01 -19.28
CA ASN B 94 5.23 -30.60 -18.56
C ASN B 94 6.49 -29.91 -19.05
N ILE B 95 7.11 -29.10 -18.20
CA ILE B 95 8.21 -28.23 -18.59
C ILE B 95 9.45 -29.01 -18.98
N GLU B 96 9.80 -30.01 -18.21
CA GLU B 96 10.99 -30.84 -18.49
C GLU B 96 10.82 -31.63 -19.82
N MET B 97 9.58 -32.03 -20.12
CA MET B 97 9.30 -32.75 -21.37
C MET B 97 9.08 -31.82 -22.57
N LYS B 98 9.10 -30.53 -22.28
CA LYS B 98 8.83 -29.45 -23.22
C LYS B 98 7.54 -29.71 -23.95
N SER B 99 6.49 -30.13 -23.22
N SER B 99 6.50 -30.13 -23.26
CA SER B 99 5.31 -30.90 -23.74
CA SER B 99 5.33 -30.63 -23.95
C SER B 99 3.91 -30.37 -23.31
C SER B 99 4.03 -30.09 -23.37
N LYS B 100 3.07 -29.99 -24.28
CA LYS B 100 1.70 -29.56 -23.97
C LYS B 100 0.88 -30.79 -23.68
N MET B 101 0.67 -31.04 -22.38
N MET B 101 0.64 -31.05 -22.41
CA MET B 101 0.00 -32.23 -21.86
CA MET B 101 0.01 -32.29 -22.03
C MET B 101 -1.50 -32.18 -22.24
C MET B 101 -1.52 -32.21 -22.15
N LYS B 102 -2.11 -31.02 -22.00
CA LYS B 102 -3.58 -30.85 -22.07
C LYS B 102 -3.95 -29.45 -22.54
N ALA B 103 -5.10 -29.36 -23.18
CA ALA B 103 -5.70 -28.05 -23.51
C ALA B 103 -7.21 -28.19 -23.38
N HIS B 104 -7.86 -27.19 -22.80
CA HIS B 104 -9.30 -27.17 -22.71
C HIS B 104 -9.77 -25.75 -22.85
N THR B 105 -10.87 -25.55 -23.56
CA THR B 105 -11.50 -24.23 -23.67
C THR B 105 -12.82 -24.21 -22.91
N MET B 106 -12.89 -23.33 -21.91
CA MET B 106 -14.09 -23.23 -21.08
C MET B 106 -15.11 -22.37 -21.82
N THR B 107 -16.37 -22.48 -21.43
CA THR B 107 -17.39 -21.57 -21.96
C THR B 107 -17.37 -20.20 -21.25
N ASP B 108 -16.90 -20.18 -20.00
CA ASP B 108 -16.82 -18.95 -19.20
C ASP B 108 -15.37 -18.66 -18.80
N ASP B 109 -15.05 -17.38 -18.60
CA ASP B 109 -13.74 -17.03 -18.03
C ASP B 109 -13.55 -17.65 -16.66
N VAL B 110 -12.34 -18.12 -16.41
CA VAL B 110 -11.93 -18.62 -15.11
C VAL B 110 -11.33 -17.48 -14.31
N THR B 111 -12.02 -17.12 -13.23
N THR B 111 -11.99 -17.09 -13.25
CA THR B 111 -11.70 -15.97 -12.37
CA THR B 111 -11.54 -15.94 -12.49
C THR B 111 -10.70 -16.25 -11.26
C THR B 111 -10.53 -16.29 -11.41
N PHE B 112 -10.58 -17.52 -10.89
CA PHE B 112 -9.67 -17.97 -9.87
C PHE B 112 -9.44 -19.46 -10.11
N TRP B 113 -8.22 -19.91 -9.92
CA TRP B 113 -7.95 -21.33 -9.98
C TRP B 113 -6.77 -21.67 -9.11
N LYS B 114 -6.68 -22.93 -8.73
CA LYS B 114 -5.69 -23.41 -7.78
C LYS B 114 -5.56 -24.92 -7.88
N TRP B 115 -4.36 -25.46 -7.65
CA TRP B 115 -4.20 -26.90 -7.50
C TRP B 115 -4.75 -27.28 -6.14
N ILE B 116 -5.69 -28.22 -6.08
CA ILE B 116 -6.22 -28.68 -4.80
C ILE B 116 -5.64 -30.01 -4.32
N SER B 117 -4.84 -30.64 -5.19
CA SER B 117 -4.18 -31.90 -4.87
C SER B 117 -3.00 -32.04 -5.81
N LEU B 118 -2.31 -33.16 -5.72
CA LEU B 118 -1.18 -33.43 -6.62
C LEU B 118 -1.58 -33.57 -8.06
N ASN B 119 -2.87 -33.85 -8.32
CA ASN B 119 -3.28 -34.09 -9.70
C ASN B 119 -4.57 -33.46 -10.16
N THR B 120 -5.10 -32.52 -9.38
CA THR B 120 -6.39 -31.89 -9.69
C THR B 120 -6.32 -30.39 -9.53
N VAL B 121 -6.77 -29.70 -10.55
CA VAL B 121 -6.89 -28.23 -10.56
C VAL B 121 -8.38 -27.90 -10.35
N ALA B 122 -8.66 -26.95 -9.47
CA ALA B 122 -10.00 -26.37 -9.29
C ALA B 122 -10.14 -25.08 -10.08
N LEU B 123 -11.30 -24.91 -10.73
CA LEU B 123 -11.52 -23.76 -11.58
C LEU B 123 -12.77 -23.06 -11.06
N VAL B 124 -12.67 -21.76 -10.82
CA VAL B 124 -13.79 -20.96 -10.39
C VAL B 124 -14.14 -19.95 -11.48
N THR B 125 -15.39 -20.01 -11.93
CA THR B 125 -15.95 -19.03 -12.85
C THR B 125 -16.83 -18.07 -12.08
N ASP B 126 -17.40 -17.09 -12.78
CA ASP B 126 -18.41 -16.25 -12.14
C ASP B 126 -19.57 -17.05 -11.53
N ASN B 127 -19.91 -18.22 -12.10
CA ASN B 127 -21.15 -18.93 -11.77
C ASN B 127 -20.97 -20.33 -11.12
N ALA B 128 -19.77 -20.90 -11.16
CA ALA B 128 -19.61 -22.30 -10.74
C ALA B 128 -18.17 -22.66 -10.44
N VAL B 129 -18.03 -23.83 -9.83
CA VAL B 129 -16.75 -24.38 -9.48
C VAL B 129 -16.61 -25.77 -10.12
N TYR B 130 -15.44 -26.01 -10.73
CA TYR B 130 -15.13 -27.21 -11.50
C TYR B 130 -13.87 -27.84 -10.95
N HIS B 131 -13.79 -29.17 -11.03
CA HIS B 131 -12.56 -29.88 -10.72
C HIS B 131 -12.06 -30.48 -11.99
N TRP B 132 -10.73 -30.38 -12.23
CA TRP B 132 -10.16 -30.96 -13.45
C TRP B 132 -9.00 -31.87 -13.05
N SER B 133 -9.20 -33.18 -13.15
CA SER B 133 -8.14 -34.16 -12.88
C SER B 133 -7.19 -34.25 -14.07
N MET B 134 -5.91 -34.38 -13.77
CA MET B 134 -4.91 -34.63 -14.80
C MET B 134 -4.79 -36.10 -15.24
N GLU B 135 -5.50 -37.01 -14.56
CA GLU B 135 -5.43 -38.42 -14.94
C GLU B 135 -6.20 -38.73 -16.21
N GLY B 136 -5.60 -39.53 -17.08
CA GLY B 136 -6.22 -39.94 -18.31
C GLY B 136 -6.69 -38.81 -19.20
N GLU B 137 -7.91 -38.93 -19.73
CA GLU B 137 -8.47 -37.93 -20.60
C GLU B 137 -9.61 -37.14 -19.93
N SER B 138 -9.53 -36.93 -18.64
CA SER B 138 -10.55 -36.21 -17.90
C SER B 138 -10.65 -34.75 -18.37
N GLN B 139 -11.87 -34.26 -18.39
CA GLN B 139 -12.17 -32.85 -18.59
C GLN B 139 -12.73 -32.22 -17.28
N PRO B 140 -12.77 -30.88 -17.20
CA PRO B 140 -13.32 -30.25 -15.99
C PRO B 140 -14.76 -30.71 -15.75
N VAL B 141 -15.07 -30.97 -14.51
CA VAL B 141 -16.38 -31.45 -14.07
C VAL B 141 -16.99 -30.40 -13.17
N LYS B 142 -18.20 -29.94 -13.49
CA LYS B 142 -18.83 -28.93 -12.65
C LYS B 142 -19.22 -29.58 -11.30
N MET B 143 -18.61 -29.11 -10.22
CA MET B 143 -18.89 -29.66 -8.90
C MET B 143 -20.17 -29.09 -8.27
N PHE B 144 -20.29 -27.77 -8.31
CA PHE B 144 -21.44 -27.06 -7.76
C PHE B 144 -21.58 -25.67 -8.37
N ASP B 145 -22.78 -25.12 -8.23
CA ASP B 145 -23.05 -23.77 -8.67
C ASP B 145 -22.80 -22.78 -7.52
N ARG B 146 -22.28 -21.62 -7.86
CA ARG B 146 -21.99 -20.62 -6.84
C ARG B 146 -23.23 -20.05 -6.18
N HIS B 147 -23.13 -19.84 -4.87
CA HIS B 147 -24.20 -19.26 -4.07
C HIS B 147 -24.21 -17.73 -4.27
N SER B 148 -25.40 -17.15 -4.29
CA SER B 148 -25.61 -15.72 -4.53
C SER B 148 -24.90 -14.82 -3.53
N SER B 149 -24.67 -15.30 -2.31
CA SER B 149 -23.94 -14.52 -1.31
C SER B 149 -22.48 -14.20 -1.67
N LEU B 150 -21.90 -14.90 -2.65
CA LEU B 150 -20.54 -14.56 -3.11
C LEU B 150 -20.53 -13.69 -4.34
N ALA B 151 -21.71 -13.24 -4.78
CA ALA B 151 -21.80 -12.53 -6.06
C ALA B 151 -21.08 -11.20 -5.86
N GLY B 152 -20.23 -10.84 -6.82
CA GLY B 152 -19.43 -9.63 -6.68
C GLY B 152 -18.22 -9.66 -5.74
N CYS B 153 -17.95 -10.78 -5.07
CA CYS B 153 -16.82 -10.86 -4.19
C CYS B 153 -15.58 -11.06 -5.01
N GLN B 154 -14.47 -10.63 -4.46
CA GLN B 154 -13.18 -11.06 -4.95
C GLN B 154 -12.91 -12.47 -4.40
N ILE B 155 -12.79 -13.45 -5.27
CA ILE B 155 -12.48 -14.81 -4.87
C ILE B 155 -11.01 -14.89 -4.43
N ILE B 156 -10.77 -15.32 -3.19
CA ILE B 156 -9.43 -15.41 -2.66
C ILE B 156 -8.93 -16.79 -2.31
N ASN B 157 -9.79 -17.78 -2.21
CA ASN B 157 -9.32 -19.13 -1.89
C ASN B 157 -10.42 -20.17 -2.24
N TYR B 158 -9.95 -21.40 -2.40
CA TYR B 158 -10.79 -22.55 -2.64
C TYR B 158 -10.00 -23.73 -2.07
N ARG B 159 -10.64 -24.49 -1.19
CA ARG B 159 -9.99 -25.61 -0.47
C ARG B 159 -10.96 -26.74 -0.33
N THR B 160 -10.43 -27.93 -0.12
CA THR B 160 -11.26 -29.10 0.11
C THR B 160 -10.67 -29.92 1.23
N ASP B 161 -11.48 -30.85 1.74
CA ASP B 161 -10.92 -31.86 2.61
C ASP B 161 -10.15 -32.90 1.82
N ALA B 162 -9.48 -33.81 2.51
CA ALA B 162 -8.60 -34.78 1.84
C ALA B 162 -9.33 -35.66 0.82
N LYS B 163 -10.57 -36.04 1.14
CA LYS B 163 -11.33 -36.93 0.25
C LYS B 163 -12.15 -36.18 -0.77
N GLN B 164 -12.04 -34.85 -0.82
CA GLN B 164 -12.75 -34.02 -1.78
C GLN B 164 -14.28 -34.20 -1.71
N LYS B 165 -14.78 -34.34 -0.49
CA LYS B 165 -16.23 -34.41 -0.23
C LYS B 165 -16.80 -33.13 0.37
N TRP B 166 -15.94 -32.26 0.86
CA TRP B 166 -16.32 -30.99 1.49
C TRP B 166 -15.49 -29.91 0.81
N LEU B 167 -16.18 -28.97 0.18
CA LEU B 167 -15.57 -28.00 -0.71
C LEU B 167 -15.88 -26.61 -0.19
N LEU B 168 -14.89 -25.73 -0.23
CA LEU B 168 -15.04 -24.40 0.37
C LEU B 168 -14.49 -23.29 -0.51
N LEU B 169 -15.40 -22.44 -0.94
CA LEU B 169 -15.09 -21.29 -1.75
C LEU B 169 -15.18 -20.03 -0.86
N THR B 170 -14.17 -19.14 -0.97
CA THR B 170 -14.09 -17.92 -0.14
C THR B 170 -13.88 -16.69 -0.98
N GLY B 171 -14.77 -15.72 -0.78
CA GLY B 171 -14.63 -14.38 -1.37
C GLY B 171 -14.69 -13.29 -0.33
N ILE B 172 -14.23 -12.10 -0.70
CA ILE B 172 -14.30 -10.93 0.16
C ILE B 172 -14.84 -9.73 -0.60
N SER B 173 -15.37 -8.78 0.16
CA SER B 173 -15.82 -7.50 -0.38
C SER B 173 -15.86 -6.48 0.75
N ALA B 174 -16.12 -5.23 0.42
CA ALA B 174 -16.28 -4.17 1.42
C ALA B 174 -17.77 -4.00 1.76
N GLN B 175 -18.12 -4.09 3.04
CA GLN B 175 -19.50 -3.81 3.49
C GLN B 175 -19.40 -3.01 4.78
N GLN B 176 -20.11 -1.87 4.83
CA GLN B 176 -20.07 -0.94 5.96
C GLN B 176 -18.65 -0.66 6.42
N ASN B 177 -17.80 -0.37 5.45
CA ASN B 177 -16.45 -0.02 5.73
C ASN B 177 -15.56 -1.07 6.38
N ARG B 178 -15.84 -2.34 6.15
CA ARG B 178 -14.91 -3.35 6.58
C ARG B 178 -14.88 -4.47 5.53
N VAL B 179 -13.82 -5.25 5.57
CA VAL B 179 -13.65 -6.36 4.65
C VAL B 179 -14.44 -7.52 5.22
N VAL B 180 -15.49 -7.91 4.53
CA VAL B 180 -16.37 -8.99 4.98
C VAL B 180 -16.09 -10.22 4.14
N GLY B 181 -15.93 -11.35 4.81
CA GLY B 181 -15.68 -12.61 4.11
C GLY B 181 -16.97 -13.40 3.95
N ALA B 182 -17.12 -13.98 2.75
CA ALA B 182 -18.27 -14.80 2.43
C ALA B 182 -17.78 -16.17 1.94
N MET B 183 -18.21 -17.22 2.62
N MET B 183 -18.17 -17.23 2.64
CA MET B 183 -17.83 -18.57 2.26
CA MET B 183 -17.74 -18.59 2.28
C MET B 183 -19.01 -19.34 1.73
C MET B 183 -18.93 -19.42 1.87
N GLN B 184 -18.71 -20.31 0.90
CA GLN B 184 -19.71 -21.29 0.47
C GLN B 184 -19.12 -22.65 0.75
N LEU B 185 -19.73 -23.35 1.70
CA LEU B 185 -19.36 -24.70 2.07
C LEU B 185 -20.29 -25.62 1.29
N TYR B 186 -19.73 -26.51 0.52
CA TYR B 186 -20.53 -27.48 -0.25
C TYR B 186 -20.25 -28.91 0.14
N SER B 187 -21.32 -29.66 0.34
CA SER B 187 -21.24 -31.12 0.58
C SER B 187 -21.46 -31.88 -0.72
N VAL B 188 -20.43 -32.57 -1.19
CA VAL B 188 -20.54 -33.39 -2.39
C VAL B 188 -21.60 -34.52 -2.23
N ASP B 189 -21.65 -35.08 -1.04
CA ASP B 189 -22.59 -36.19 -0.81
C ASP B 189 -24.05 -35.75 -0.64
N ARG B 190 -24.28 -34.59 -0.06
N ARG B 190 -24.27 -34.59 -0.03
CA ARG B 190 -25.64 -34.11 0.16
CA ARG B 190 -25.61 -34.05 0.21
C ARG B 190 -26.14 -33.13 -0.89
C ARG B 190 -26.13 -33.15 -0.90
N LYS B 191 -25.24 -32.59 -1.72
CA LYS B 191 -25.64 -31.65 -2.82
C LYS B 191 -26.31 -30.42 -2.28
N VAL B 192 -25.73 -29.91 -1.19
CA VAL B 192 -26.23 -28.80 -0.42
C VAL B 192 -25.04 -27.87 -0.13
N SER B 193 -25.33 -26.57 -0.18
CA SER B 193 -24.40 -25.49 0.17
C SER B 193 -24.86 -24.78 1.40
N GLN B 194 -23.91 -24.28 2.18
CA GLN B 194 -24.24 -23.42 3.31
C GLN B 194 -23.42 -22.17 3.21
N PRO B 195 -24.08 -21.00 3.19
CA PRO B 195 -23.30 -19.77 3.24
C PRO B 195 -22.83 -19.50 4.67
N ILE B 196 -21.57 -19.12 4.82
CA ILE B 196 -20.99 -18.86 6.13
C ILE B 196 -20.17 -17.57 6.07
N GLU B 197 -20.30 -16.68 7.06
CA GLU B 197 -19.38 -15.52 7.12
C GLU B 197 -18.02 -16.02 7.61
N GLY B 198 -16.98 -15.87 6.80
CA GLY B 198 -15.66 -16.29 7.20
C GLY B 198 -14.58 -15.72 6.29
N HIS B 199 -13.38 -15.59 6.84
CA HIS B 199 -12.22 -14.99 6.16
C HIS B 199 -11.14 -15.97 5.74
N ALA B 200 -10.86 -16.98 6.55
CA ALA B 200 -9.81 -17.94 6.23
C ALA B 200 -10.16 -19.29 6.83
N ALA B 201 -9.76 -20.35 6.16
CA ALA B 201 -10.17 -21.70 6.63
C ALA B 201 -9.26 -22.79 6.12
N SER B 202 -9.42 -23.98 6.72
CA SER B 202 -8.75 -25.19 6.27
C SER B 202 -9.51 -26.40 6.81
N PHE B 203 -9.38 -27.53 6.13
CA PHE B 203 -9.88 -28.78 6.65
C PHE B 203 -8.71 -29.50 7.29
N ALA B 204 -9.00 -30.51 8.10
CA ALA B 204 -7.92 -31.35 8.65
C ALA B 204 -8.49 -32.68 9.06
N GLN B 205 -7.63 -33.69 9.04
CA GLN B 205 -7.93 -35.00 9.58
C GLN B 205 -7.39 -35.06 11.00
N PHE B 206 -8.21 -35.55 11.90
CA PHE B 206 -7.85 -35.65 13.30
C PHE B 206 -8.47 -36.89 13.92
N LYS B 207 -7.62 -37.75 14.49
CA LYS B 207 -8.09 -38.97 15.11
C LYS B 207 -8.17 -38.77 16.63
N MET B 208 -9.39 -38.69 17.13
CA MET B 208 -9.62 -38.60 18.55
C MET B 208 -9.25 -39.90 19.25
N GLU B 209 -8.70 -39.76 20.45
CA GLU B 209 -8.54 -40.88 21.34
C GLU B 209 -9.85 -41.61 21.52
N GLY B 210 -9.77 -42.95 21.47
CA GLY B 210 -10.95 -43.80 21.57
C GLY B 210 -11.66 -44.06 20.26
N ASN B 211 -11.33 -43.31 19.19
CA ASN B 211 -11.92 -43.56 17.87
C ASN B 211 -11.04 -44.39 16.99
N ALA B 212 -11.65 -45.30 16.24
CA ALA B 212 -10.93 -46.13 15.30
C ALA B 212 -10.65 -45.38 14.02
N GLU B 213 -11.50 -44.41 13.65
CA GLU B 213 -11.33 -43.66 12.39
C GLU B 213 -11.08 -42.17 12.63
N GLU B 214 -10.37 -41.54 11.70
CA GLU B 214 -10.16 -40.10 11.70
C GLU B 214 -11.49 -39.36 11.55
N SER B 215 -11.58 -38.22 12.21
CA SER B 215 -12.65 -37.23 11.98
C SER B 215 -12.18 -36.24 10.91
N THR B 216 -13.09 -35.74 10.09
CA THR B 216 -12.79 -34.64 9.18
C THR B 216 -13.25 -33.35 9.82
N LEU B 217 -12.30 -32.49 10.15
CA LEU B 217 -12.62 -31.22 10.79
C LEU B 217 -12.56 -30.05 9.79
N PHE B 218 -13.46 -29.09 9.99
CA PHE B 218 -13.46 -27.83 9.27
C PHE B 218 -13.11 -26.77 10.28
N CYS B 219 -12.07 -25.99 10.00
N CYS B 219 -12.07 -25.99 9.98
CA CYS B 219 -11.67 -24.89 10.88
CA CYS B 219 -11.64 -24.91 10.84
C CYS B 219 -11.72 -23.59 10.12
C CYS B 219 -11.79 -23.62 10.06
N PHE B 220 -12.44 -22.61 10.65
CA PHE B 220 -12.48 -21.29 10.01
C PHE B 220 -12.38 -20.15 11.02
N ALA B 221 -11.76 -19.07 10.56
CA ALA B 221 -11.62 -17.87 11.35
C ALA B 221 -12.33 -16.72 10.61
N VAL B 222 -12.94 -15.85 11.40
CA VAL B 222 -13.70 -14.73 10.91
C VAL B 222 -13.53 -13.55 11.86
N ARG B 223 -13.51 -12.34 11.30
CA ARG B 223 -13.75 -11.13 12.05
C ARG B 223 -15.14 -10.66 11.62
N GLY B 224 -16.11 -10.86 12.49
CA GLY B 224 -17.49 -10.45 12.25
C GLY B 224 -17.71 -9.11 12.92
N GLN B 225 -18.93 -8.59 12.80
CA GLN B 225 -19.32 -7.32 13.45
C GLN B 225 -18.95 -7.35 14.94
N ALA B 226 -19.32 -8.46 15.59
CA ALA B 226 -19.03 -8.71 17.00
C ALA B 226 -17.64 -9.35 17.32
N GLY B 227 -16.61 -9.12 16.49
CA GLY B 227 -15.24 -9.48 16.82
C GLY B 227 -14.76 -10.76 16.16
N GLY B 228 -13.57 -11.20 16.55
CA GLY B 228 -12.90 -12.31 15.94
C GLY B 228 -13.30 -13.63 16.57
N LYS B 229 -13.51 -14.65 15.74
CA LYS B 229 -13.83 -15.98 16.22
C LYS B 229 -13.15 -17.03 15.35
N LEU B 230 -12.78 -18.13 16.00
CA LEU B 230 -12.28 -19.30 15.35
C LEU B 230 -13.15 -20.50 15.71
N HIS B 231 -13.51 -21.28 14.71
CA HIS B 231 -14.42 -22.43 14.90
C HIS B 231 -13.73 -23.68 14.42
N ILE B 232 -13.91 -24.78 15.15
CA ILE B 232 -13.40 -26.05 14.71
C ILE B 232 -14.56 -27.02 14.88
N ILE B 233 -14.99 -27.64 13.78
CA ILE B 233 -16.19 -28.40 13.80
C ILE B 233 -16.09 -29.57 12.85
N GLU B 234 -16.63 -30.71 13.29
CA GLU B 234 -16.62 -31.90 12.45
C GLU B 234 -17.64 -31.71 11.33
N VAL B 235 -17.27 -32.05 10.10
CA VAL B 235 -18.24 -32.03 8.98
C VAL B 235 -18.65 -33.46 8.68
N GLY B 236 -19.94 -33.67 8.47
CA GLY B 236 -20.44 -34.96 8.10
C GLY B 236 -20.78 -35.78 9.34
N THR B 237 -21.33 -36.96 9.09
CA THR B 237 -21.69 -37.90 10.15
C THR B 237 -20.42 -38.60 10.57
N PRO B 238 -20.19 -38.74 11.89
CA PRO B 238 -18.97 -39.45 12.27
C PRO B 238 -18.94 -40.86 11.68
N PRO B 239 -17.75 -41.34 11.30
CA PRO B 239 -17.66 -42.74 10.88
C PRO B 239 -18.31 -43.67 11.91
N THR B 240 -18.82 -44.80 11.47
CA THR B 240 -19.54 -45.69 12.38
C THR B 240 -18.61 -46.16 13.51
N GLY B 241 -19.11 -46.15 14.74
CA GLY B 241 -18.31 -46.45 15.92
C GLY B 241 -17.52 -45.29 16.52
N ASN B 242 -17.37 -44.16 15.81
CA ASN B 242 -16.68 -42.96 16.36
C ASN B 242 -17.54 -42.14 17.29
N GLN B 243 -16.95 -41.63 18.37
CA GLN B 243 -17.53 -40.50 19.05
C GLN B 243 -17.44 -39.25 18.15
N PRO B 244 -18.46 -38.38 18.18
CA PRO B 244 -18.35 -37.09 17.48
C PRO B 244 -17.30 -36.17 18.12
N PHE B 245 -16.67 -35.36 17.29
CA PHE B 245 -15.74 -34.36 17.77
C PHE B 245 -16.57 -33.25 18.36
N PRO B 246 -16.34 -32.86 19.62
CA PRO B 246 -17.11 -31.75 20.17
C PRO B 246 -16.65 -30.43 19.57
N LYS B 247 -17.58 -29.64 19.05
CA LYS B 247 -17.18 -28.44 18.34
C LYS B 247 -16.62 -27.41 19.29
N LYS B 248 -15.71 -26.60 18.78
CA LYS B 248 -15.05 -25.56 19.60
C LYS B 248 -15.26 -24.23 18.91
N ALA B 249 -15.40 -23.19 19.72
CA ALA B 249 -15.45 -21.83 19.21
C ALA B 249 -14.65 -20.97 20.16
N VAL B 250 -13.67 -20.23 19.64
CA VAL B 250 -12.86 -19.39 20.52
C VAL B 250 -12.65 -17.99 19.94
N ASP B 251 -12.20 -17.06 20.76
CA ASP B 251 -11.96 -15.69 20.30
C ASP B 251 -10.69 -15.64 19.45
N VAL B 252 -10.70 -14.76 18.46
CA VAL B 252 -9.50 -14.41 17.73
C VAL B 252 -9.25 -12.97 18.10
N PHE B 253 -8.13 -12.71 18.76
CA PHE B 253 -7.82 -11.37 19.28
C PHE B 253 -7.27 -10.43 18.21
N PHE B 254 -7.79 -9.20 18.18
CA PHE B 254 -7.17 -8.10 17.43
C PHE B 254 -6.94 -6.95 18.39
N PRO B 255 -5.71 -6.40 18.42
CA PRO B 255 -5.47 -5.29 19.35
C PRO B 255 -6.19 -4.01 18.91
N PRO B 256 -6.38 -3.04 19.83
CA PRO B 256 -7.11 -1.80 19.51
C PRO B 256 -6.57 -1.01 18.31
N GLU B 257 -5.29 -1.13 18.03
CA GLU B 257 -4.69 -0.37 16.94
C GLU B 257 -4.81 -1.12 15.59
N ALA B 258 -5.39 -2.31 15.58
CA ALA B 258 -5.57 -3.09 14.35
C ALA B 258 -7.07 -3.27 14.10
N GLN B 259 -7.78 -2.14 14.08
CA GLN B 259 -9.24 -2.13 13.94
C GLN B 259 -9.69 -2.65 12.59
N ASN B 260 -8.83 -2.53 11.57
CA ASN B 260 -9.14 -2.98 10.23
C ASN B 260 -8.44 -4.28 9.82
N ASP B 261 -7.83 -4.99 10.77
CA ASP B 261 -7.12 -6.22 10.40
C ASP B 261 -8.15 -7.36 10.35
N PHE B 262 -7.81 -8.41 9.62
CA PHE B 262 -8.68 -9.59 9.52
C PHE B 262 -7.85 -10.80 9.10
N PRO B 263 -8.39 -12.02 9.30
CA PRO B 263 -7.64 -13.21 8.91
C PRO B 263 -7.48 -13.33 7.40
N VAL B 264 -6.29 -13.71 6.91
CA VAL B 264 -6.08 -13.95 5.49
C VAL B 264 -5.56 -15.34 5.13
N ALA B 265 -5.03 -16.10 6.08
CA ALA B 265 -4.46 -17.39 5.74
C ALA B 265 -4.52 -18.33 6.90
N MET B 266 -4.70 -19.61 6.58
CA MET B 266 -4.70 -20.67 7.54
C MET B 266 -4.03 -21.89 6.98
N GLN B 267 -3.14 -22.49 7.77
CA GLN B 267 -2.65 -23.82 7.45
C GLN B 267 -2.66 -24.61 8.75
N ILE B 268 -2.96 -25.89 8.64
CA ILE B 268 -3.01 -26.74 9.82
C ILE B 268 -1.88 -27.76 9.76
N SER B 269 -1.10 -27.90 10.82
CA SER B 269 -0.11 -29.00 10.90
C SER B 269 -0.80 -30.23 11.46
N GLU B 270 -0.87 -31.32 10.70
CA GLU B 270 -1.41 -32.56 11.28
C GLU B 270 -0.30 -33.33 12.00
N LYS B 271 0.96 -32.94 11.83
CA LYS B 271 2.05 -33.46 12.64
C LYS B 271 1.98 -32.99 14.12
N HIS B 272 1.62 -31.73 14.34
CA HIS B 272 1.51 -31.16 15.68
C HIS B 272 0.07 -30.86 16.15
N ASP B 273 -0.91 -31.06 15.26
CA ASP B 273 -2.31 -30.71 15.51
C ASP B 273 -2.46 -29.30 16.03
N VAL B 274 -1.86 -28.37 15.25
CA VAL B 274 -1.96 -26.96 15.52
C VAL B 274 -2.43 -26.21 14.27
N VAL B 275 -3.10 -25.09 14.51
CA VAL B 275 -3.60 -24.21 13.48
C VAL B 275 -2.73 -22.97 13.44
N PHE B 276 -2.16 -22.67 12.27
CA PHE B 276 -1.49 -21.38 12.07
C PHE B 276 -2.45 -20.42 11.37
N LEU B 277 -2.62 -19.22 11.90
CA LEU B 277 -3.47 -18.20 11.30
C LEU B 277 -2.66 -16.95 11.09
N ILE B 278 -2.66 -16.43 9.87
CA ILE B 278 -1.98 -15.18 9.57
C ILE B 278 -3.04 -14.14 9.21
N THR B 279 -2.88 -12.92 9.71
CA THR B 279 -3.79 -11.82 9.42
C THR B 279 -3.19 -10.92 8.30
N LYS B 280 -4.06 -10.10 7.73
CA LYS B 280 -3.71 -9.24 6.59
C LYS B 280 -2.48 -8.39 6.91
N TYR B 281 -2.46 -7.81 8.11
CA TYR B 281 -1.39 -6.88 8.46
C TYR B 281 -0.24 -7.52 9.23
N GLY B 282 -0.10 -8.84 9.06
CA GLY B 282 1.11 -9.54 9.43
C GLY B 282 1.19 -10.21 10.81
N TYR B 283 0.05 -10.42 11.47
CA TYR B 283 0.08 -11.10 12.78
C TYR B 283 -0.01 -12.60 12.57
N ILE B 284 0.72 -13.37 13.39
CA ILE B 284 0.68 -14.82 13.39
C ILE B 284 0.04 -15.29 14.71
N HIS B 285 -0.91 -16.20 14.60
CA HIS B 285 -1.51 -16.85 15.75
C HIS B 285 -1.32 -18.34 15.61
N LEU B 286 -1.16 -19.01 16.74
CA LEU B 286 -1.13 -20.45 16.80
C LEU B 286 -2.20 -20.94 17.77
N TYR B 287 -3.03 -21.88 17.31
CA TYR B 287 -4.08 -22.47 18.15
C TYR B 287 -3.93 -23.98 18.17
N ASP B 288 -4.30 -24.60 19.30
CA ASP B 288 -4.42 -26.03 19.37
C ASP B 288 -5.66 -26.47 18.52
N LEU B 289 -5.47 -27.42 17.62
CA LEU B 289 -6.55 -27.94 16.79
C LEU B 289 -7.64 -28.63 17.62
N GLU B 290 -7.24 -29.32 18.67
CA GLU B 290 -8.18 -30.13 19.40
C GLU B 290 -9.11 -29.28 20.25
N THR B 291 -8.59 -28.23 20.88
CA THR B 291 -9.33 -27.41 21.84
C THR B 291 -9.59 -26.01 21.41
N GLY B 292 -8.83 -25.53 20.44
CA GLY B 292 -8.89 -24.15 20.05
C GLY B 292 -8.09 -23.22 20.93
N THR B 293 -7.42 -23.74 21.98
CA THR B 293 -6.66 -22.88 22.87
C THR B 293 -5.61 -22.08 22.10
N CYS B 294 -5.57 -20.76 22.33
CA CYS B 294 -4.58 -19.91 21.71
C CYS B 294 -3.25 -20.09 22.40
N ILE B 295 -2.26 -20.55 21.67
CA ILE B 295 -0.94 -20.86 22.21
C ILE B 295 -0.03 -19.64 22.13
N TYR B 296 -0.10 -18.89 21.04
CA TYR B 296 0.86 -17.79 20.79
C TYR B 296 0.30 -16.83 19.77
N MET B 297 0.63 -15.55 19.94
CA MET B 297 0.36 -14.53 18.94
C MET B 297 1.53 -13.57 18.88
N ASN B 298 1.87 -13.10 17.68
CA ASN B 298 2.91 -12.06 17.54
C ASN B 298 2.79 -11.39 16.16
N ARG B 299 3.37 -10.20 16.00
CA ARG B 299 3.47 -9.58 14.68
C ARG B 299 4.79 -10.00 14.03
N ILE B 300 4.72 -10.66 12.89
CA ILE B 300 5.88 -11.33 12.21
C ILE B 300 6.18 -10.85 10.78
N SER B 301 5.43 -9.84 10.31
CA SER B 301 5.65 -9.19 9.02
C SER B 301 5.11 -7.80 9.18
N GLY B 302 5.85 -6.81 8.69
CA GLY B 302 5.27 -5.45 8.60
C GLY B 302 4.34 -5.39 7.39
N GLU B 303 4.76 -6.11 6.36
CA GLU B 303 4.11 -6.12 5.11
C GLU B 303 2.97 -7.15 5.15
N THR B 304 2.03 -6.99 4.25
CA THR B 304 0.91 -7.89 4.13
C THR B 304 1.41 -9.17 3.47
N ILE B 305 1.00 -10.31 4.02
CA ILE B 305 1.31 -11.59 3.48
C ILE B 305 0.11 -11.96 2.61
N PHE B 306 0.32 -12.30 1.36
CA PHE B 306 -0.81 -12.45 0.44
C PHE B 306 -0.97 -13.88 -0.12
N VAL B 307 -0.01 -14.76 0.16
CA VAL B 307 -0.11 -16.15 -0.31
C VAL B 307 0.67 -17.04 0.65
N THR B 308 0.11 -18.19 0.97
CA THR B 308 0.75 -19.15 1.85
C THR B 308 0.57 -20.56 1.31
N ALA B 309 1.35 -21.48 1.85
CA ALA B 309 1.25 -22.91 1.54
C ALA B 309 1.74 -23.66 2.76
N PRO B 310 1.40 -24.95 2.88
CA PRO B 310 2.11 -25.77 3.89
C PRO B 310 3.61 -25.82 3.64
N HIS B 311 4.39 -25.72 4.70
CA HIS B 311 5.82 -25.91 4.66
C HIS B 311 6.11 -27.35 5.07
N GLU B 312 6.35 -28.20 4.07
CA GLU B 312 6.31 -29.66 4.25
C GLU B 312 7.32 -30.17 5.26
N ALA B 313 8.55 -29.67 5.17
CA ALA B 313 9.67 -30.20 5.95
C ALA B 313 9.47 -29.98 7.45
N THR B 314 8.89 -28.83 7.83
CA THR B 314 8.68 -28.45 9.23
C THR B 314 7.22 -28.64 9.70
N ALA B 315 6.35 -29.08 8.79
CA ALA B 315 4.90 -29.06 8.96
C ALA B 315 4.39 -27.69 9.48
N GLY B 316 4.90 -26.62 8.90
CA GLY B 316 4.49 -25.27 9.26
C GLY B 316 3.81 -24.59 8.09
N ILE B 317 4.05 -23.31 7.98
CA ILE B 317 3.37 -22.44 7.02
C ILE B 317 4.47 -21.58 6.38
N ILE B 318 4.44 -21.51 5.05
CA ILE B 318 5.39 -20.68 4.31
C ILE B 318 4.56 -19.63 3.56
N GLY B 319 5.07 -18.42 3.46
CA GLY B 319 4.35 -17.34 2.84
C GLY B 319 5.24 -16.31 2.16
N VAL B 320 4.61 -15.42 1.39
CA VAL B 320 5.32 -14.35 0.70
C VAL B 320 4.61 -13.04 1.04
N ASN B 321 5.39 -12.03 1.42
CA ASN B 321 4.84 -10.72 1.65
C ASN B 321 5.11 -9.79 0.47
N ARG B 322 4.49 -8.60 0.51
CA ARG B 322 4.53 -7.63 -0.59
C ARG B 322 5.94 -7.14 -0.94
N LYS B 323 6.86 -7.19 0.00
CA LYS B 323 8.29 -6.86 -0.26
C LYS B 323 9.01 -7.94 -1.09
N GLY B 324 8.48 -9.17 -1.01
CA GLY B 324 9.07 -10.36 -1.59
C GLY B 324 9.91 -11.17 -0.61
N GLN B 325 9.72 -10.99 0.70
CA GLN B 325 10.32 -11.90 1.65
C GLN B 325 9.51 -13.21 1.63
N VAL B 326 10.21 -14.33 1.50
CA VAL B 326 9.60 -15.65 1.62
C VAL B 326 9.97 -16.11 3.03
N LEU B 327 8.96 -16.34 3.85
CA LEU B 327 9.18 -16.63 5.25
C LEU B 327 8.36 -17.83 5.68
N SER B 328 8.90 -18.59 6.62
CA SER B 328 8.12 -19.64 7.25
C SER B 328 8.08 -19.52 8.75
N VAL B 329 7.05 -20.17 9.29
CA VAL B 329 6.82 -20.29 10.70
C VAL B 329 6.43 -21.74 10.96
N CYS B 330 7.07 -22.35 11.96
CA CYS B 330 6.70 -23.70 12.37
C CYS B 330 6.77 -23.82 13.89
N VAL B 331 6.26 -24.93 14.39
CA VAL B 331 6.42 -25.26 15.79
C VAL B 331 7.92 -25.51 16.09
N GLU B 332 8.42 -24.86 17.13
CA GLU B 332 9.75 -25.15 17.69
C GLU B 332 9.59 -26.35 18.62
N GLU B 333 9.93 -27.54 18.13
CA GLU B 333 9.67 -28.78 18.84
C GLU B 333 10.37 -28.93 20.19
N GLU B 334 11.49 -28.25 20.41
CA GLU B 334 12.19 -28.28 21.71
C GLU B 334 11.61 -27.34 22.77
N ASN B 335 10.88 -26.30 22.34
CA ASN B 335 10.39 -25.25 23.20
C ASN B 335 8.89 -25.26 23.43
N ILE B 336 8.09 -25.81 22.52
CA ILE B 336 6.64 -25.62 22.62
C ILE B 336 6.05 -26.14 23.96
N ILE B 337 6.48 -27.33 24.40
CA ILE B 337 5.93 -27.92 25.62
C ILE B 337 6.30 -27.10 26.88
N PRO B 338 7.59 -26.81 27.10
CA PRO B 338 7.88 -25.93 28.25
C PRO B 338 7.29 -24.51 28.15
N TYR B 339 7.09 -24.02 26.93
CA TYR B 339 6.43 -22.74 26.77
C TYR B 339 4.98 -22.79 27.30
N ILE B 340 4.28 -23.84 26.89
CA ILE B 340 2.89 -24.01 27.31
C ILE B 340 2.80 -24.22 28.83
N THR B 341 3.71 -25.02 29.39
CA THR B 341 3.74 -25.27 30.84
C THR B 341 4.07 -24.02 31.63
N ASN B 342 5.13 -23.31 31.24
CA ASN B 342 5.64 -22.22 32.06
C ASN B 342 5.12 -20.82 31.71
N VAL B 343 5.02 -20.50 30.43
CA VAL B 343 4.55 -19.16 30.04
C VAL B 343 3.02 -19.10 30.05
N LEU B 344 2.33 -20.04 29.40
CA LEU B 344 0.87 -20.09 29.48
C LEU B 344 0.33 -20.65 30.75
N GLN B 345 1.18 -21.34 31.52
CA GLN B 345 0.76 -21.93 32.78
C GLN B 345 -0.36 -22.92 32.55
N ASN B 346 -0.23 -23.70 31.48
CA ASN B 346 -1.24 -24.67 31.12
C ASN B 346 -0.62 -26.07 31.02
N PRO B 347 -0.25 -26.64 32.18
CA PRO B 347 0.30 -28.01 32.18
C PRO B 347 -0.61 -29.09 31.59
N ASP B 348 -1.93 -28.91 31.67
N ASP B 348 -1.93 -28.89 31.70
CA ASP B 348 -2.87 -29.88 31.08
CA ASP B 348 -2.92 -29.75 31.09
C ASP B 348 -2.73 -29.94 29.54
C ASP B 348 -2.70 -29.91 29.58
N LEU B 349 -2.62 -28.78 28.89
CA LEU B 349 -2.42 -28.75 27.45
C LEU B 349 -1.00 -29.24 27.09
N ALA B 350 -0.01 -28.82 27.86
CA ALA B 350 1.37 -29.24 27.64
C ALA B 350 1.52 -30.77 27.66
N LEU B 351 0.91 -31.39 28.66
CA LEU B 351 1.00 -32.84 28.80
C LEU B 351 0.28 -33.54 27.65
N ARG B 352 -0.92 -33.06 27.33
CA ARG B 352 -1.69 -33.60 26.21
C ARG B 352 -0.87 -33.54 24.92
N MET B 353 -0.35 -32.36 24.59
CA MET B 353 0.42 -32.18 23.35
C MET B 353 1.71 -33.00 23.34
N ALA B 354 2.38 -33.11 24.48
CA ALA B 354 3.62 -33.90 24.55
C ALA B 354 3.39 -35.35 24.13
N VAL B 355 2.35 -35.95 24.67
CA VAL B 355 1.99 -37.34 24.38
C VAL B 355 1.29 -37.50 23.02
N ARG B 356 0.38 -36.59 22.71
CA ARG B 356 -0.37 -36.64 21.47
C ARG B 356 0.54 -36.57 20.24
N ASN B 357 1.55 -35.72 20.30
CA ASN B 357 2.40 -35.46 19.13
C ASN B 357 3.87 -35.84 19.34
N ASN B 358 4.14 -36.64 20.37
CA ASN B 358 5.47 -37.14 20.66
C ASN B 358 6.55 -36.07 20.79
N LEU B 359 6.28 -35.07 21.63
CA LEU B 359 7.17 -33.95 21.86
C LEU B 359 7.80 -34.05 23.23
N ALA B 360 9.06 -33.63 23.31
CA ALA B 360 9.82 -33.61 24.55
C ALA B 360 9.40 -32.43 25.44
N GLY B 361 9.59 -32.59 26.74
CA GLY B 361 9.50 -31.49 27.70
C GLY B 361 8.47 -31.63 28.82
N ALA B 362 7.59 -32.64 28.77
CA ALA B 362 6.58 -32.82 29.83
C ALA B 362 6.97 -33.85 30.91
N GLU B 363 8.28 -34.17 30.92
CA GLU B 363 8.94 -34.96 31.96
C GLU B 363 8.93 -34.18 33.28
N GLU B 364 9.01 -32.85 33.19
CA GLU B 364 8.74 -31.98 34.33
C GLU B 364 7.70 -30.91 33.98
N LEU B 365 6.68 -30.80 34.83
CA LEU B 365 5.50 -29.94 34.61
C LEU B 365 5.32 -28.93 35.76
N GLU C 1 11.45 53.39 6.47
CA GLU C 1 11.13 52.53 5.30
C GLU C 1 9.86 51.73 5.62
N THR C 2 8.90 51.79 4.70
CA THR C 2 7.65 51.06 4.86
C THR C 2 7.33 50.44 3.53
N LEU C 3 7.23 49.10 3.51
CA LEU C 3 7.16 48.38 2.24
C LEU C 3 5.76 48.26 1.65
N LEU C 4 4.74 48.51 2.46
CA LEU C 4 3.36 48.45 2.04
C LEU C 4 2.68 49.73 2.51
N ASP C 5 1.92 50.36 1.62
CA ASP C 5 1.18 51.58 1.95
C ASP C 5 -0.27 51.20 2.26
N LEU C 6 -0.64 51.25 3.53
CA LEU C 6 -2.01 50.97 3.97
C LEU C 6 -2.82 52.24 4.34
N ASP C 7 -2.18 53.41 4.27
CA ASP C 7 -2.89 54.69 4.38
C ASP C 7 -3.75 54.93 3.14
N PHE C 8 -3.25 54.49 1.98
CA PHE C 8 -4.03 54.41 0.73
C PHE C 8 -5.35 53.63 0.95
N ASP C 9 -6.47 54.24 0.55
CA ASP C 9 -7.81 53.64 0.70
C ASP C 9 -8.41 53.40 -0.68
N GLU D 1 -2.83 -22.06 -30.69
CA GLU D 1 -2.53 -21.18 -29.53
C GLU D 1 -1.66 -21.97 -28.55
N THR D 2 -0.53 -21.38 -28.13
CA THR D 2 0.38 -21.99 -27.18
C THR D 2 0.76 -20.92 -26.15
N LEU D 3 0.41 -21.15 -24.89
CA LEU D 3 0.52 -20.10 -23.85
C LEU D 3 1.88 -20.01 -23.23
N LEU D 4 2.71 -21.04 -23.42
CA LEU D 4 4.07 -21.07 -22.91
C LEU D 4 4.99 -21.46 -24.05
N ASP D 5 6.12 -20.76 -24.17
CA ASP D 5 7.13 -21.04 -25.18
C ASP D 5 8.30 -21.79 -24.55
N LEU D 6 8.40 -23.08 -24.84
CA LEU D 6 9.50 -23.94 -24.35
C LEU D 6 10.53 -24.29 -25.46
N ASP D 7 10.35 -23.75 -26.67
CA ASP D 7 11.41 -23.77 -27.69
C ASP D 7 12.55 -22.85 -27.25
N PHE D 8 12.21 -21.74 -26.59
CA PHE D 8 13.17 -20.84 -25.91
C PHE D 8 14.12 -21.61 -24.97
N ASP D 9 15.42 -21.27 -25.03
CA ASP D 9 16.46 -21.89 -24.21
C ASP D 9 17.20 -20.83 -23.39
N GLU E 1 27.57 9.88 8.61
CA GLU E 1 26.13 9.71 8.92
C GLU E 1 25.31 10.08 7.68
N THR E 2 24.43 9.18 7.28
CA THR E 2 23.43 9.41 6.25
C THR E 2 22.08 9.28 6.93
N LEU E 3 21.09 9.97 6.40
CA LEU E 3 19.74 9.96 6.98
C LEU E 3 18.88 8.84 6.45
N LEU E 4 19.01 8.56 5.16
CA LEU E 4 18.12 7.65 4.44
C LEU E 4 18.90 6.74 3.51
N ASP E 5 18.55 5.46 3.53
CA ASP E 5 19.04 4.54 2.52
C ASP E 5 17.95 4.40 1.47
N LEU E 6 18.22 4.85 0.27
CA LEU E 6 17.25 4.81 -0.83
C LEU E 6 17.27 3.51 -1.67
N ASP E 7 18.16 2.56 -1.34
CA ASP E 7 18.24 1.28 -2.08
C ASP E 7 17.57 0.15 -1.33
N PHE E 8 17.13 -0.85 -2.10
CA PHE E 8 16.55 -2.05 -1.53
C PHE E 8 17.45 -2.63 -0.44
N ASP E 9 16.87 -2.82 0.75
CA ASP E 9 17.59 -3.37 1.90
C ASP E 9 16.97 -4.76 2.27
N PRO E 10 17.69 -5.88 1.96
CA PRO E 10 17.17 -7.24 2.29
C PRO E 10 17.13 -7.58 3.80
N PHE E 11 17.90 -6.85 4.62
CA PHE E 11 17.98 -7.06 6.07
C PHE E 11 16.98 -6.18 6.84
N LYS E 12 16.54 -5.10 6.21
CA LYS E 12 15.79 -3.99 6.83
C LYS E 12 16.43 -3.47 8.13
N GLU F 1 -32.16 -27.86 4.86
CA GLU F 1 -30.89 -28.62 5.05
C GLU F 1 -29.75 -27.63 5.30
N THR F 2 -29.31 -27.55 6.56
CA THR F 2 -28.07 -26.88 6.93
C THR F 2 -26.97 -27.94 7.10
N LEU F 3 -25.75 -27.62 6.72
CA LEU F 3 -24.64 -28.57 6.87
C LEU F 3 -24.08 -28.54 8.26
N LEU F 4 -24.01 -27.35 8.86
CA LEU F 4 -23.38 -27.16 10.16
C LEU F 4 -24.19 -26.23 11.03
N ASP F 5 -24.25 -26.55 12.33
CA ASP F 5 -24.78 -25.62 13.34
C ASP F 5 -23.57 -24.99 14.02
N LEU F 6 -23.42 -23.67 13.93
CA LEU F 6 -22.31 -22.96 14.61
C LEU F 6 -22.50 -22.51 16.09
N ASP F 7 -23.69 -22.67 16.68
CA ASP F 7 -23.97 -22.24 18.08
C ASP F 7 -23.81 -23.38 19.07
N PHE F 8 -23.50 -23.04 20.32
CA PHE F 8 -23.52 -24.00 21.45
C PHE F 8 -24.81 -24.85 21.45
N ASP F 9 -24.63 -26.18 21.44
CA ASP F 9 -25.74 -27.16 21.49
C ASP F 9 -25.67 -27.92 22.85
N PRO F 10 -26.60 -27.63 23.78
CA PRO F 10 -26.61 -28.35 25.08
C PRO F 10 -27.11 -29.81 25.05
N PHE F 11 -27.78 -30.19 23.95
CA PHE F 11 -28.40 -31.53 23.82
C PHE F 11 -27.45 -32.57 23.20
N LYS F 12 -26.33 -32.11 22.62
CA LYS F 12 -25.22 -32.98 22.17
C LYS F 12 -25.62 -33.89 21.02
C1 GOL G . 19.56 36.60 10.40
O1 GOL G . 18.94 37.60 11.19
C2 GOL G . 20.85 37.02 9.68
O2 GOL G . 21.16 38.42 9.74
C3 GOL G . 20.94 36.39 8.27
O3 GOL G . 21.18 37.26 7.17
#